data_3IV7
#
_entry.id   3IV7
#
_cell.length_a   58.728
_cell.length_b   79.003
_cell.length_c   160.185
_cell.angle_alpha   90.000
_cell.angle_beta   90.000
_cell.angle_gamma   90.000
#
_symmetry.space_group_name_H-M   'P 21 21 21'
#
loop_
_entity.id
_entity.type
_entity.pdbx_description
1 polymer 'Alcohol dehydrogenase IV'
2 non-polymer 1,2-ETHANEDIOL
3 non-polymer DI(HYDROXYETHYL)ETHER
4 water water
#
_entity_poly.entity_id   1
_entity_poly.type   'polypeptide(L)'
_entity_poly.pdbx_seq_one_letter_code
;G(MSE)NNSLAFNHDTLPQKV(MSE)FGYGKSSAFLKQEVERRGSAKV(MSE)VIAGERE(MSE)SIAHKVASEIEVAIW
HDEVV(MSE)HVPIEVAERARAVATDNEIDLLVCVGGGSTIGLAKAIA(MSE)TTALPIVAIPTTYAGSEATNVWGLTEA
ARKTTGVDLKVLPETVIYDSELT(MSE)SLPVE(MSE)SVASGLNGLAHCIDSLWGPNADPINAVLAAEGIRALNQGLPK
IVANPHSIEGRDEALYGAYLAAVSFASAGSGLHHKICHTLGGTFNLPHAQTHATVLPYVLAFNAGDAPEAERRAAAAFGT
DTALEGLQRLRLSVNAPKRLSDYGFEASGIAEAVDVTLEKVPANNPRPVTRENLSRLLEAALNGEDPAVLSAVLSN
;
_entity_poly.pdbx_strand_id   A,B
#
# COMPACT_ATOMS: atom_id res chain seq x y z
N ASN A 4 18.47 -18.11 -0.21
CA ASN A 4 17.02 -18.04 0.06
C ASN A 4 16.61 -16.70 0.70
N SER A 5 17.30 -15.62 0.33
CA SER A 5 17.02 -14.29 0.90
C SER A 5 15.73 -13.67 0.35
N LEU A 6 15.30 -12.55 0.93
CA LEU A 6 14.08 -11.91 0.52
C LEU A 6 14.07 -11.50 -0.97
N ALA A 7 13.06 -11.94 -1.68
CA ALA A 7 12.93 -11.64 -3.08
C ALA A 7 11.49 -11.53 -3.43
N PHE A 8 11.13 -10.45 -4.15
CA PHE A 8 9.78 -10.26 -4.61
C PHE A 8 9.66 -9.22 -5.73
N ASN A 9 8.55 -9.29 -6.44
CA ASN A 9 8.20 -8.36 -7.48
C ASN A 9 6.77 -7.91 -7.16
N HIS A 10 6.62 -6.66 -6.73
CA HIS A 10 5.34 -6.19 -6.25
C HIS A 10 4.79 -5.04 -7.10
N ASP A 11 3.55 -5.18 -7.51
CA ASP A 11 2.85 -4.13 -8.24
C ASP A 11 1.90 -3.42 -7.31
N THR A 12 2.20 -2.16 -7.02
CA THR A 12 1.24 -1.32 -6.30
C THR A 12 0.37 -0.68 -7.35
N LEU A 13 -0.95 -0.92 -7.26
CA LEU A 13 -1.89 -0.46 -8.25
C LEU A 13 -2.39 0.93 -7.92
N PRO A 14 -2.61 1.77 -8.96
CA PRO A 14 -3.05 3.16 -8.70
C PRO A 14 -4.52 3.22 -8.29
N GLN A 15 -4.81 3.89 -7.21
CA GLN A 15 -6.17 4.06 -6.77
C GLN A 15 -6.33 5.18 -5.75
N LYS A 16 -7.44 5.89 -5.86
CA LYS A 16 -7.85 6.83 -4.84
C LYS A 16 -9.00 6.22 -4.06
N VAL A 17 -8.96 6.39 -2.76
CA VAL A 17 -10.00 5.92 -1.87
C VAL A 17 -10.47 7.07 -1.04
N PHE A 19 -13.17 8.08 1.95
CA PHE A 19 -13.83 7.35 3.00
C PHE A 19 -14.54 8.31 3.91
N GLY A 20 -15.80 8.02 4.22
CA GLY A 20 -16.51 8.82 5.22
C GLY A 20 -18.03 8.65 5.25
N TYR A 21 -18.56 8.35 6.44
CA TYR A 21 -20.01 8.19 6.65
C TYR A 21 -20.74 9.43 6.19
N GLY A 22 -21.73 9.23 5.33
CA GLY A 22 -22.56 10.33 4.88
C GLY A 22 -21.94 11.22 3.83
N LYS A 23 -20.73 10.92 3.37
CA LYS A 23 -20.08 11.82 2.43
C LYS A 23 -20.13 11.38 0.96
N SER A 24 -20.80 10.27 0.63
CA SER A 24 -20.68 9.75 -0.74
C SER A 24 -21.10 10.75 -1.78
N SER A 25 -22.20 11.45 -1.56
CA SER A 25 -22.72 12.39 -2.60
C SER A 25 -21.78 13.59 -2.81
N ALA A 26 -21.14 14.04 -1.74
CA ALA A 26 -20.19 15.16 -1.80
C ALA A 26 -18.88 14.72 -2.44
N PHE A 27 -18.41 13.50 -2.07
CA PHE A 27 -17.23 12.94 -2.70
C PHE A 27 -17.44 12.69 -4.20
N LEU A 28 -18.63 12.18 -4.57
CA LEU A 28 -18.91 11.89 -5.98
C LEU A 28 -18.88 13.18 -6.76
N LYS A 29 -19.48 14.23 -6.20
CA LYS A 29 -19.46 15.54 -6.84
C LYS A 29 -18.00 15.97 -7.08
N GLN A 30 -17.19 15.93 -6.02
CA GLN A 30 -15.79 16.31 -6.08
C GLN A 30 -15.06 15.52 -7.15
N GLU A 31 -15.33 14.22 -7.21
CA GLU A 31 -14.65 13.34 -8.15
C GLU A 31 -15.05 13.64 -9.62
N VAL A 32 -16.33 13.87 -9.86
CA VAL A 32 -16.81 14.20 -11.18
C VAL A 32 -16.28 15.56 -11.67
N GLU A 33 -16.24 16.51 -10.75
CA GLU A 33 -15.78 17.85 -11.09
C GLU A 33 -14.27 17.85 -11.35
N ARG A 34 -13.51 17.11 -10.53
CA ARG A 34 -12.07 16.98 -10.72
C ARG A 34 -11.75 16.37 -12.11
N ARG A 35 -12.59 15.45 -12.56
CA ARG A 35 -12.42 14.81 -13.88
C ARG A 35 -12.95 15.66 -15.00
N GLY A 36 -13.84 16.60 -14.70
CA GLY A 36 -14.52 17.38 -15.73
C GLY A 36 -15.53 16.55 -16.53
N SER A 37 -15.94 15.41 -15.96
CA SER A 37 -16.83 14.45 -16.64
C SER A 37 -18.14 15.08 -17.01
N ALA A 38 -18.54 14.91 -18.26
CA ALA A 38 -19.77 15.54 -18.77
C ALA A 38 -20.91 14.56 -19.07
N LYS A 39 -20.64 13.25 -19.03
CA LYS A 39 -21.65 12.26 -19.38
C LYS A 39 -21.49 11.01 -18.56
N VAL A 40 -22.00 11.08 -17.33
CA VAL A 40 -21.88 10.07 -16.34
C VAL A 40 -22.94 8.99 -16.49
N VAL A 42 -24.52 5.91 -14.31
CA VAL A 42 -24.63 5.27 -13.01
C VAL A 42 -25.21 3.86 -13.19
N ILE A 43 -24.53 2.89 -12.61
CA ILE A 43 -24.89 1.49 -12.74
C ILE A 43 -25.29 1.00 -11.37
N ALA A 44 -26.48 0.46 -11.25
CA ALA A 44 -26.97 -0.05 -9.97
C ALA A 44 -28.17 -0.99 -10.24
N GLY A 45 -28.24 -2.09 -9.51
CA GLY A 45 -29.39 -2.99 -9.63
C GLY A 45 -30.64 -2.30 -9.11
N GLU A 46 -31.80 -2.77 -9.57
CA GLU A 46 -33.11 -2.20 -9.19
C GLU A 46 -33.24 -1.97 -7.69
N ARG A 47 -32.74 -2.91 -6.90
CA ARG A 47 -32.82 -2.82 -5.46
C ARG A 47 -31.87 -1.77 -4.87
N GLU A 48 -30.91 -1.26 -5.65
CA GLU A 48 -30.02 -0.21 -5.17
C GLU A 48 -30.25 1.11 -5.86
N SER A 50 -32.74 3.37 -5.84
CA SER A 50 -33.22 4.46 -5.00
C SER A 50 -32.01 5.09 -4.28
N ILE A 51 -31.19 4.25 -3.72
CA ILE A 51 -30.00 4.66 -3.06
C ILE A 51 -28.97 5.30 -4.02
N ALA A 52 -28.88 4.79 -5.26
CA ALA A 52 -27.97 5.35 -6.26
C ALA A 52 -28.39 6.75 -6.65
N HIS A 53 -29.68 6.96 -6.74
CA HIS A 53 -30.20 8.31 -7.03
C HIS A 53 -29.82 9.30 -5.94
N LYS A 54 -29.88 8.87 -4.67
CA LYS A 54 -29.47 9.73 -3.57
C LYS A 54 -27.97 9.99 -3.61
N VAL A 55 -27.18 8.97 -3.96
CA VAL A 55 -25.73 9.10 -4.02
C VAL A 55 -25.30 10.06 -5.14
N ALA A 56 -26.00 10.03 -6.26
CA ALA A 56 -25.67 10.91 -7.38
C ALA A 56 -26.49 12.23 -7.39
N SER A 57 -27.11 12.60 -6.25
CA SER A 57 -27.98 13.77 -6.19
C SER A 57 -27.25 15.10 -6.38
N GLU A 58 -25.94 15.11 -6.23
CA GLU A 58 -25.19 16.34 -6.44
C GLU A 58 -24.50 16.37 -7.80
N ILE A 59 -24.80 15.42 -8.68
CA ILE A 59 -24.25 15.43 -10.04
C ILE A 59 -25.29 15.25 -11.11
N GLU A 60 -24.90 15.53 -12.35
CA GLU A 60 -25.75 15.29 -13.50
C GLU A 60 -25.43 13.90 -13.99
N VAL A 61 -26.46 13.12 -14.25
CA VAL A 61 -26.29 11.76 -14.69
C VAL A 61 -26.91 11.60 -16.06
N ALA A 62 -26.11 11.16 -17.03
CA ALA A 62 -26.58 10.98 -18.41
C ALA A 62 -27.41 9.72 -18.56
N ILE A 63 -26.98 8.65 -17.92
CA ILE A 63 -27.66 7.35 -18.04
C ILE A 63 -27.71 6.64 -16.70
N TRP A 64 -28.89 6.07 -16.40
CA TRP A 64 -29.07 5.19 -15.24
C TRP A 64 -29.29 3.78 -15.79
N HIS A 65 -28.43 2.84 -15.43
CA HIS A 65 -28.47 1.52 -16.00
C HIS A 65 -28.68 0.53 -14.89
N ASP A 66 -29.79 -0.23 -14.94
CA ASP A 66 -30.09 -1.16 -13.88
C ASP A 66 -30.00 -2.65 -14.21
N GLU A 67 -29.55 -3.00 -15.41
CA GLU A 67 -29.42 -4.43 -15.74
C GLU A 67 -28.16 -5.03 -15.16
N VAL A 68 -28.22 -5.40 -13.89
CA VAL A 68 -27.11 -5.99 -13.20
C VAL A 68 -27.49 -7.44 -12.98
N VAL A 69 -26.63 -8.35 -13.40
CA VAL A 69 -26.93 -9.80 -13.36
C VAL A 69 -25.74 -10.54 -12.83
N HIS A 71 -22.76 -13.07 -12.04
CA HIS A 71 -21.79 -13.79 -12.92
C HIS A 71 -21.51 -13.05 -14.25
N VAL A 72 -22.07 -11.85 -14.41
CA VAL A 72 -21.90 -11.00 -15.61
C VAL A 72 -21.93 -11.80 -16.93
N PRO A 73 -23.15 -12.15 -17.39
CA PRO A 73 -23.28 -12.80 -18.66
C PRO A 73 -22.78 -11.90 -19.73
N ILE A 74 -22.16 -12.49 -20.76
CA ILE A 74 -21.56 -11.73 -21.82
C ILE A 74 -22.59 -10.91 -22.55
N GLU A 75 -23.83 -11.43 -22.66
CA GLU A 75 -24.89 -10.69 -23.33
C GLU A 75 -25.29 -9.41 -22.54
N VAL A 76 -25.24 -9.52 -21.24
CA VAL A 76 -25.53 -8.37 -20.37
C VAL A 76 -24.38 -7.34 -20.46
N ALA A 77 -23.14 -7.84 -20.44
CA ALA A 77 -21.97 -6.98 -20.60
C ALA A 77 -22.06 -6.25 -21.96
N GLU A 78 -22.40 -6.99 -23.02
CA GLU A 78 -22.48 -6.42 -24.38
C GLU A 78 -23.54 -5.31 -24.50
N ARG A 79 -24.72 -5.51 -23.92
CA ARG A 79 -25.74 -4.42 -23.86
C ARG A 79 -25.22 -3.21 -23.09
N ALA A 80 -24.62 -3.43 -21.92
CA ALA A 80 -24.09 -2.30 -21.11
C ALA A 80 -23.02 -1.53 -21.88
N ARG A 81 -22.17 -2.23 -22.62
CA ARG A 81 -21.09 -1.57 -23.37
C ARG A 81 -21.68 -0.70 -24.45
N ALA A 82 -22.73 -1.20 -25.12
CA ALA A 82 -23.39 -0.46 -26.17
C ALA A 82 -24.04 0.84 -25.64
N VAL A 83 -24.74 0.74 -24.52
CA VAL A 83 -25.32 1.93 -23.86
C VAL A 83 -24.21 2.98 -23.59
N ALA A 84 -23.10 2.52 -23.00
CA ALA A 84 -21.95 3.38 -22.74
C ALA A 84 -21.47 4.09 -24.01
N THR A 85 -21.18 3.32 -25.04
CA THR A 85 -20.64 3.86 -26.26
C THR A 85 -21.67 4.71 -27.04
N ASP A 86 -22.91 4.23 -27.15
CA ASP A 86 -23.96 4.97 -27.88
C ASP A 86 -24.24 6.34 -27.28
N ASN A 87 -24.10 6.45 -25.96
CA ASN A 87 -24.43 7.67 -25.25
C ASN A 87 -23.21 8.52 -24.97
N GLU A 88 -22.07 8.11 -25.50
CA GLU A 88 -20.84 8.84 -25.33
C GLU A 88 -20.53 9.11 -23.88
N ILE A 89 -20.76 8.09 -23.08
CA ILE A 89 -20.44 8.12 -21.68
C ILE A 89 -18.94 8.37 -21.46
N ASP A 90 -18.61 9.17 -20.46
CA ASP A 90 -17.22 9.44 -20.16
C ASP A 90 -16.80 9.08 -18.74
N LEU A 91 -17.75 8.61 -17.94
CA LEU A 91 -17.44 8.11 -16.60
C LEU A 91 -18.46 7.05 -16.24
N LEU A 92 -17.97 5.94 -15.66
CA LEU A 92 -18.81 4.90 -15.08
C LEU A 92 -18.84 5.08 -13.56
N VAL A 93 -20.05 5.06 -12.99
CA VAL A 93 -20.18 5.10 -11.54
C VAL A 93 -21.04 3.90 -11.12
N CYS A 94 -20.53 3.03 -10.25
CA CYS A 94 -21.30 1.88 -9.85
C CYS A 94 -21.60 1.91 -8.38
N VAL A 95 -22.86 1.66 -8.04
CA VAL A 95 -23.30 1.68 -6.65
C VAL A 95 -23.92 0.33 -6.31
N GLY A 96 -23.22 -0.45 -5.50
CA GLY A 96 -23.70 -1.75 -5.14
C GLY A 96 -22.61 -2.71 -4.85
N GLY A 97 -22.93 -3.99 -4.96
CA GLY A 97 -22.00 -5.06 -4.63
C GLY A 97 -21.19 -5.60 -5.79
N GLY A 98 -20.60 -6.78 -5.55
CA GLY A 98 -19.80 -7.50 -6.55
C GLY A 98 -20.29 -7.53 -7.99
N SER A 99 -21.57 -7.86 -8.19
CA SER A 99 -22.09 -8.02 -9.53
C SER A 99 -22.32 -6.67 -10.25
N THR A 100 -22.59 -5.63 -9.48
CA THR A 100 -22.74 -4.29 -10.00
C THR A 100 -21.37 -3.75 -10.41
N ILE A 101 -20.41 -3.88 -9.52
CA ILE A 101 -19.04 -3.51 -9.83
C ILE A 101 -18.55 -4.38 -10.98
N GLY A 102 -18.99 -5.63 -11.00
CA GLY A 102 -18.58 -6.56 -12.07
C GLY A 102 -18.99 -6.08 -13.47
N LEU A 103 -20.19 -5.51 -13.57
CA LEU A 103 -20.67 -5.02 -14.84
C LEU A 103 -19.91 -3.76 -15.27
N ALA A 104 -19.60 -2.88 -14.32
CA ALA A 104 -18.82 -1.69 -14.64
C ALA A 104 -17.47 -2.13 -15.18
N LYS A 105 -16.90 -3.15 -14.56
CA LYS A 105 -15.62 -3.67 -15.01
C LYS A 105 -15.74 -4.23 -16.43
N ALA A 106 -16.79 -5.00 -16.68
CA ALA A 106 -16.99 -5.57 -18.01
C ALA A 106 -17.03 -4.46 -19.08
N ILE A 107 -17.65 -3.33 -18.75
CA ILE A 107 -17.72 -2.19 -19.68
C ILE A 107 -16.35 -1.59 -19.91
N ALA A 108 -15.59 -1.40 -18.83
CA ALA A 108 -14.23 -0.85 -18.94
C ALA A 108 -13.28 -1.74 -19.77
N THR A 110 -13.66 -3.17 -22.58
CA THR A 110 -13.68 -2.84 -23.99
C THR A 110 -13.63 -1.34 -24.32
N THR A 111 -14.10 -0.50 -23.40
CA THR A 111 -14.19 0.95 -23.64
C THR A 111 -13.05 1.74 -23.00
N ALA A 112 -12.36 1.13 -22.04
CA ALA A 112 -11.30 1.82 -21.31
C ALA A 112 -11.85 2.98 -20.45
N LEU A 113 -13.17 3.02 -20.21
CA LEU A 113 -13.75 4.09 -19.41
C LEU A 113 -13.35 3.95 -17.96
N PRO A 114 -13.15 5.06 -17.29
CA PRO A 114 -12.83 5.04 -15.89
C PRO A 114 -14.03 4.73 -15.04
N ILE A 115 -13.80 4.09 -13.90
CA ILE A 115 -14.86 3.69 -13.02
C ILE A 115 -14.68 4.34 -11.66
N VAL A 116 -15.76 4.91 -11.12
CA VAL A 116 -15.78 5.31 -9.72
C VAL A 116 -16.69 4.27 -9.02
N ALA A 117 -16.13 3.50 -8.08
CA ALA A 117 -16.89 2.47 -7.39
C ALA A 117 -17.34 2.93 -6.07
N ILE A 118 -18.63 2.69 -5.79
CA ILE A 118 -19.26 3.06 -4.51
C ILE A 118 -19.88 1.77 -3.91
N PRO A 119 -19.05 0.99 -3.17
CA PRO A 119 -19.45 -0.36 -2.76
C PRO A 119 -20.40 -0.41 -1.58
N THR A 120 -21.22 -1.44 -1.55
CA THR A 120 -22.20 -1.62 -0.46
C THR A 120 -22.06 -2.98 0.25
N THR A 121 -21.05 -3.77 -0.14
CA THR A 121 -20.77 -5.01 0.53
C THR A 121 -19.26 -5.10 0.82
N TYR A 122 -18.80 -6.28 1.24
CA TYR A 122 -17.39 -6.47 1.63
C TYR A 122 -16.61 -7.41 0.71
N ALA A 123 -17.13 -7.64 -0.48
CA ALA A 123 -16.54 -8.60 -1.44
C ALA A 123 -15.23 -8.08 -2.02
N GLY A 124 -15.08 -6.74 -2.00
CA GLY A 124 -13.83 -6.08 -2.38
C GLY A 124 -13.47 -6.02 -3.86
N SER A 125 -14.43 -6.29 -4.75
CA SER A 125 -14.13 -6.25 -6.18
C SER A 125 -13.60 -4.90 -6.59
N GLU A 126 -14.00 -3.84 -5.87
CA GLU A 126 -13.59 -2.45 -6.20
C GLU A 126 -12.09 -2.20 -6.08
N ALA A 127 -11.40 -3.10 -5.38
CA ALA A 127 -9.98 -2.98 -5.19
C ALA A 127 -9.18 -4.01 -5.95
N THR A 128 -9.78 -4.73 -6.90
CA THR A 128 -9.00 -5.67 -7.73
C THR A 128 -9.13 -5.34 -9.23
N ASN A 129 -8.18 -5.85 -9.96
CA ASN A 129 -8.12 -5.72 -11.39
C ASN A 129 -8.57 -7.01 -12.03
N VAL A 130 -9.44 -7.74 -11.33
CA VAL A 130 -9.98 -9.01 -11.77
C VAL A 130 -11.38 -8.80 -12.31
N TRP A 131 -11.62 -9.33 -13.51
CA TRP A 131 -12.93 -9.30 -14.15
C TRP A 131 -13.47 -10.70 -14.26
N GLY A 132 -14.78 -10.80 -14.44
CA GLY A 132 -15.44 -12.06 -14.66
C GLY A 132 -16.53 -11.94 -15.68
N LEU A 133 -16.67 -12.98 -16.48
CA LEU A 133 -17.70 -13.07 -17.47
C LEU A 133 -18.21 -14.49 -17.57
N THR A 134 -19.49 -14.62 -17.93
CA THR A 134 -20.07 -15.90 -18.21
C THR A 134 -20.53 -15.99 -19.64
N GLU A 135 -19.95 -16.92 -20.39
CA GLU A 135 -20.31 -17.11 -21.78
C GLU A 135 -20.46 -18.59 -22.03
N ALA A 136 -21.51 -18.95 -22.76
CA ALA A 136 -21.76 -20.34 -23.17
C ALA A 136 -21.75 -21.28 -21.99
N ALA A 137 -22.36 -20.85 -20.87
CA ALA A 137 -22.45 -21.65 -19.64
C ALA A 137 -21.11 -21.85 -18.95
N ARG A 138 -20.21 -20.90 -19.12
CA ARG A 138 -18.88 -21.02 -18.54
C ARG A 138 -18.48 -19.69 -17.99
N LYS A 139 -18.10 -19.68 -16.71
CA LYS A 139 -17.68 -18.49 -16.04
C LYS A 139 -16.17 -18.51 -15.96
N THR A 140 -15.53 -17.44 -16.35
CA THR A 140 -14.10 -17.34 -16.15
C THR A 140 -13.76 -15.99 -15.62
N THR A 141 -12.54 -15.86 -15.11
CA THR A 141 -12.04 -14.61 -14.60
C THR A 141 -10.67 -14.36 -15.18
N GLY A 142 -10.33 -13.10 -15.28
CA GLY A 142 -9.05 -12.73 -15.79
C GLY A 142 -8.62 -11.44 -15.17
N VAL A 143 -7.47 -10.98 -15.57
CA VAL A 143 -6.93 -9.78 -15.04
C VAL A 143 -6.73 -8.76 -16.13
N ASP A 144 -7.03 -7.51 -15.83
CA ASP A 144 -6.84 -6.39 -16.77
C ASP A 144 -6.83 -5.13 -15.94
N LEU A 145 -5.75 -4.34 -16.02
CA LEU A 145 -5.62 -3.07 -15.23
C LEU A 145 -6.76 -2.09 -15.50
N LYS A 146 -7.31 -2.10 -16.72
CA LYS A 146 -8.42 -1.19 -17.05
C LYS A 146 -9.66 -1.44 -16.24
N VAL A 147 -9.80 -2.62 -15.61
CA VAL A 147 -10.99 -2.88 -14.83
C VAL A 147 -10.88 -2.42 -13.37
N LEU A 148 -9.69 -2.06 -12.93
CA LEU A 148 -9.54 -1.55 -11.57
C LEU A 148 -10.20 -0.17 -11.47
N PRO A 149 -11.17 0.00 -10.54
CA PRO A 149 -11.73 1.35 -10.48
C PRO A 149 -10.67 2.37 -10.08
N GLU A 150 -10.68 3.50 -10.74
CA GLU A 150 -9.72 4.54 -10.43
C GLU A 150 -9.97 5.18 -9.08
N THR A 151 -11.22 5.24 -8.70
CA THR A 151 -11.59 5.80 -7.41
C THR A 151 -12.61 4.92 -6.71
N VAL A 152 -12.45 4.80 -5.39
CA VAL A 152 -13.42 4.10 -4.58
C VAL A 152 -13.95 5.03 -3.52
N ILE A 153 -15.27 5.14 -3.45
CA ILE A 153 -15.96 5.94 -2.40
C ILE A 153 -16.63 5.00 -1.39
N TYR A 154 -16.12 5.03 -0.17
CA TYR A 154 -16.62 4.21 0.93
C TYR A 154 -17.45 5.05 1.89
N ASP A 155 -18.74 4.77 1.93
CA ASP A 155 -19.69 5.48 2.80
C ASP A 155 -20.50 4.43 3.55
N SER A 156 -20.16 4.23 4.82
CA SER A 156 -20.79 3.20 5.62
C SER A 156 -22.28 3.43 5.85
N GLU A 157 -22.77 4.64 5.59
CA GLU A 157 -24.20 4.90 5.66
C GLU A 157 -24.93 4.02 4.64
N LEU A 158 -24.27 3.74 3.52
CA LEU A 158 -24.85 2.92 2.46
C LEU A 158 -24.85 1.42 2.84
N THR A 159 -24.22 1.07 3.94
CA THR A 159 -24.17 -0.30 4.41
C THR A 159 -25.08 -0.53 5.63
N SER A 161 -28.24 -0.65 5.87
CA SER A 161 -29.34 -1.55 5.58
C SER A 161 -28.89 -2.95 5.13
N LEU A 162 -27.58 -3.20 5.03
CA LEU A 162 -27.11 -4.54 4.64
C LEU A 162 -27.48 -5.53 5.74
N PRO A 163 -28.27 -6.58 5.41
CA PRO A 163 -28.68 -7.48 6.47
C PRO A 163 -27.50 -8.11 7.20
N VAL A 164 -27.68 -8.44 8.45
CA VAL A 164 -26.59 -9.00 9.27
C VAL A 164 -26.00 -10.29 8.67
N GLU A 165 -26.85 -11.21 8.26
CA GLU A 165 -26.35 -12.47 7.67
C GLU A 165 -25.48 -12.23 6.45
N SER A 167 -24.00 -9.39 5.73
CA SER A 167 -22.88 -8.60 6.19
C SER A 167 -21.78 -9.51 6.73
N VAL A 168 -22.18 -10.49 7.54
CA VAL A 168 -21.24 -11.45 8.11
C VAL A 168 -20.61 -12.35 7.00
N ALA A 169 -21.44 -12.93 6.15
CA ALA A 169 -20.92 -13.79 5.10
C ALA A 169 -20.01 -13.02 4.18
N SER A 170 -20.42 -11.82 3.79
CA SER A 170 -19.59 -10.99 2.90
C SER A 170 -18.34 -10.55 3.61
N GLY A 171 -18.44 -10.22 4.88
CA GLY A 171 -17.21 -9.85 5.66
C GLY A 171 -16.20 -10.99 5.72
N LEU A 172 -16.70 -12.21 5.83
CA LEU A 172 -15.82 -13.38 5.87
C LEU A 172 -15.25 -13.67 4.49
N ASN A 173 -15.98 -13.28 3.44
CA ASN A 173 -15.43 -13.29 2.06
C ASN A 173 -14.18 -12.37 2.03
N GLY A 174 -14.33 -11.19 2.62
CA GLY A 174 -13.24 -10.23 2.73
C GLY A 174 -12.11 -10.81 3.57
N LEU A 175 -12.47 -11.53 4.63
CA LEU A 175 -11.49 -12.17 5.48
C LEU A 175 -10.70 -13.26 4.71
N ALA A 176 -11.38 -13.97 3.80
CA ALA A 176 -10.75 -14.99 3.02
C ALA A 176 -9.72 -14.39 2.09
N HIS A 177 -10.05 -13.22 1.52
CA HIS A 177 -9.10 -12.50 0.66
C HIS A 177 -7.81 -12.29 1.47
N CYS A 178 -7.93 -11.92 2.74
CA CYS A 178 -6.75 -11.71 3.57
C CYS A 178 -6.01 -13.00 3.80
N ILE A 179 -6.70 -13.97 4.34
CA ILE A 179 -6.06 -15.19 4.79
C ILE A 179 -5.42 -16.02 3.69
N ASP A 180 -6.16 -16.27 2.62
CA ASP A 180 -5.60 -17.04 1.49
C ASP A 180 -4.38 -16.32 0.90
N SER A 181 -4.41 -14.98 0.92
CA SER A 181 -3.33 -14.18 0.37
C SER A 181 -2.01 -14.37 1.13
N LEU A 182 -2.10 -14.78 2.40
CA LEU A 182 -0.94 -15.05 3.21
C LEU A 182 -0.04 -16.17 2.68
N TRP A 183 -0.63 -17.11 1.93
CA TRP A 183 0.15 -18.16 1.24
C TRP A 183 -0.20 -18.13 -0.27
N GLY A 184 -0.58 -16.94 -0.76
CA GLY A 184 -0.96 -16.77 -2.16
C GLY A 184 0.21 -17.05 -3.11
N PRO A 185 -0.08 -17.25 -4.42
CA PRO A 185 0.98 -17.55 -5.36
C PRO A 185 2.03 -16.44 -5.45
N ASN A 186 1.62 -15.18 -5.23
CA ASN A 186 2.56 -14.04 -5.25
C ASN A 186 2.55 -13.29 -3.93
N ALA A 187 2.41 -14.04 -2.84
CA ALA A 187 2.52 -13.50 -1.52
C ALA A 187 3.84 -12.75 -1.43
N ASP A 188 3.83 -11.58 -0.80
CA ASP A 188 5.09 -10.82 -0.54
C ASP A 188 4.90 -10.03 0.77
N PRO A 189 5.94 -9.34 1.26
CA PRO A 189 5.81 -8.70 2.57
C PRO A 189 4.82 -7.57 2.65
N ILE A 190 4.54 -6.92 1.51
CA ILE A 190 3.63 -5.79 1.45
C ILE A 190 2.18 -6.28 1.44
N ASN A 191 1.84 -7.18 0.50
CA ASN A 191 0.49 -7.70 0.52
C ASN A 191 0.21 -8.48 1.85
N ALA A 192 1.26 -9.03 2.45
CA ALA A 192 1.13 -9.70 3.74
C ALA A 192 0.71 -8.70 4.83
N VAL A 193 1.40 -7.57 4.92
CA VAL A 193 1.08 -6.61 5.98
C VAL A 193 -0.33 -6.03 5.76
N LEU A 194 -0.70 -5.81 4.51
CA LEU A 194 -2.05 -5.33 4.19
C LEU A 194 -3.11 -6.39 4.58
N ALA A 195 -2.84 -7.66 4.26
CA ALA A 195 -3.78 -8.73 4.58
C ALA A 195 -4.01 -8.81 6.09
N ALA A 196 -2.96 -8.62 6.88
CA ALA A 196 -3.05 -8.69 8.35
C ALA A 196 -3.83 -7.48 8.90
N GLU A 197 -3.65 -6.32 8.28
CA GLU A 197 -4.42 -5.14 8.64
C GLU A 197 -5.88 -5.36 8.30
N GLY A 198 -6.15 -6.06 7.21
CA GLY A 198 -7.53 -6.42 6.86
C GLY A 198 -8.14 -7.38 7.87
N ILE A 199 -7.35 -8.37 8.32
CA ILE A 199 -7.82 -9.32 9.33
C ILE A 199 -8.17 -8.56 10.63
N ARG A 200 -7.29 -7.65 11.05
CA ARG A 200 -7.51 -6.87 12.25
C ARG A 200 -8.83 -6.09 12.17
N ALA A 201 -9.04 -5.35 11.08
CA ALA A 201 -10.23 -4.51 10.92
C ALA A 201 -11.52 -5.32 10.85
N LEU A 202 -11.51 -6.41 10.10
CA LEU A 202 -12.70 -7.24 9.98
C LEU A 202 -13.05 -7.98 11.27
N ASN A 203 -12.03 -8.44 11.97
CA ASN A 203 -12.22 -9.14 13.24
C ASN A 203 -12.81 -8.23 14.31
N GLN A 204 -12.44 -6.97 14.25
CA GLN A 204 -12.96 -5.95 15.16
C GLN A 204 -14.37 -5.53 14.74
N GLY A 205 -14.56 -5.35 13.43
CA GLY A 205 -15.80 -4.78 12.88
C GLY A 205 -17.01 -5.69 12.84
N LEU A 206 -16.83 -6.93 12.38
CA LEU A 206 -17.95 -7.81 12.17
C LEU A 206 -18.75 -8.10 13.45
N PRO A 207 -18.07 -8.33 14.59
CA PRO A 207 -18.86 -8.57 15.78
C PRO A 207 -19.67 -7.34 16.23
N LYS A 208 -19.13 -6.13 15.95
CA LYS A 208 -19.80 -4.90 16.33
C LYS A 208 -21.08 -4.70 15.49
N ILE A 209 -21.05 -5.17 14.23
CA ILE A 209 -22.20 -5.13 13.33
C ILE A 209 -23.30 -6.11 13.79
N VAL A 210 -22.89 -7.27 14.30
CA VAL A 210 -23.87 -8.27 14.83
C VAL A 210 -24.49 -7.75 16.12
N ALA A 211 -23.65 -7.15 16.97
CA ALA A 211 -24.11 -6.51 18.18
C ALA A 211 -25.05 -5.30 17.90
N ASN A 212 -24.78 -4.58 16.82
CA ASN A 212 -25.56 -3.42 16.40
C ASN A 212 -25.40 -3.22 14.90
N PRO A 213 -26.40 -3.63 14.13
CA PRO A 213 -26.28 -3.54 12.64
C PRO A 213 -26.04 -2.10 12.13
N HIS A 214 -26.29 -1.09 12.97
CA HIS A 214 -26.06 0.31 12.58
C HIS A 214 -24.82 0.94 13.25
N SER A 215 -23.95 0.11 13.83
CA SER A 215 -22.70 0.62 14.47
C SER A 215 -21.84 1.30 13.41
N ILE A 216 -21.68 2.62 13.52
CA ILE A 216 -20.84 3.32 12.55
C ILE A 216 -19.40 2.81 12.71
N GLU A 217 -18.95 2.65 13.96
CA GLU A 217 -17.59 2.15 14.18
C GLU A 217 -17.38 0.79 13.49
N GLY A 218 -18.31 -0.14 13.72
CA GLY A 218 -18.19 -1.48 13.13
C GLY A 218 -18.31 -1.49 11.62
N ARG A 219 -19.28 -0.74 11.11
CA ARG A 219 -19.46 -0.66 9.68
C ARG A 219 -18.25 -0.03 8.96
N ASP A 220 -17.62 0.94 9.59
CA ASP A 220 -16.43 1.58 9.00
C ASP A 220 -15.28 0.58 9.01
N GLU A 221 -15.10 -0.12 10.15
CA GLU A 221 -14.03 -1.11 10.25
C GLU A 221 -14.15 -2.20 9.21
N ALA A 222 -15.37 -2.71 9.01
CA ALA A 222 -15.59 -3.77 8.05
C ALA A 222 -15.27 -3.29 6.63
N LEU A 223 -15.73 -2.09 6.29
CA LEU A 223 -15.56 -1.55 4.96
C LEU A 223 -14.04 -1.30 4.72
N TYR A 224 -13.40 -0.69 5.68
CA TYR A 224 -11.95 -0.44 5.59
C TYR A 224 -11.20 -1.78 5.46
N GLY A 225 -11.60 -2.76 6.28
CA GLY A 225 -11.01 -4.11 6.24
C GLY A 225 -11.15 -4.75 4.89
N ALA A 226 -12.34 -4.65 4.35
CA ALA A 226 -12.62 -5.20 3.06
C ALA A 226 -11.71 -4.60 1.99
N TYR A 227 -11.43 -3.30 2.09
CA TYR A 227 -10.57 -2.66 1.09
C TYR A 227 -9.15 -3.23 1.15
N LEU A 228 -8.56 -3.25 2.35
CA LEU A 228 -7.19 -3.80 2.47
C LEU A 228 -7.10 -5.28 2.15
N ALA A 229 -8.13 -6.04 2.47
CA ALA A 229 -8.17 -7.45 2.12
C ALA A 229 -8.03 -7.61 0.59
N ALA A 230 -8.81 -6.81 -0.15
CA ALA A 230 -8.86 -6.91 -1.59
C ALA A 230 -7.60 -6.39 -2.27
N VAL A 231 -7.04 -5.30 -1.74
CA VAL A 231 -5.77 -4.79 -2.23
C VAL A 231 -4.65 -5.84 -2.05
N SER A 232 -4.66 -6.53 -0.91
CA SER A 232 -3.71 -7.61 -0.65
C SER A 232 -3.88 -8.75 -1.68
N PHE A 233 -5.12 -9.15 -1.87
CA PHE A 233 -5.51 -10.22 -2.77
C PHE A 233 -5.20 -9.91 -4.25
N ALA A 234 -5.45 -8.67 -4.65
CA ALA A 234 -5.12 -8.22 -6.02
C ALA A 234 -3.63 -8.44 -6.29
N SER A 235 -2.81 -8.26 -5.25
CA SER A 235 -1.39 -8.48 -5.34
C SER A 235 -0.99 -9.96 -5.19
N ALA A 236 -1.49 -10.62 -4.14
CA ALA A 236 -1.00 -11.99 -3.81
C ALA A 236 -1.51 -13.08 -4.77
N GLY A 237 -2.60 -12.79 -5.45
CA GLY A 237 -3.22 -13.75 -6.36
C GLY A 237 -4.07 -14.75 -5.59
N SER A 238 -4.81 -15.55 -6.37
CA SER A 238 -5.69 -16.61 -5.83
C SER A 238 -4.96 -17.81 -5.34
N GLY A 239 -5.19 -18.13 -4.07
CA GLY A 239 -4.63 -19.30 -3.45
C GLY A 239 -5.67 -20.42 -3.46
N LEU A 240 -5.40 -21.48 -2.70
CA LEU A 240 -6.32 -22.66 -2.63
C LEU A 240 -7.78 -22.28 -2.35
N HIS A 241 -8.02 -21.43 -1.35
CA HIS A 241 -9.37 -21.05 -0.98
C HIS A 241 -10.13 -20.51 -2.15
N HIS A 242 -9.54 -19.56 -2.86
CA HIS A 242 -10.22 -18.92 -3.97
C HIS A 242 -10.44 -19.86 -5.12
N LYS A 243 -9.49 -20.76 -5.37
CA LYS A 243 -9.66 -21.74 -6.45
C LYS A 243 -10.87 -22.65 -6.15
N ILE A 244 -10.96 -23.13 -4.89
CA ILE A 244 -12.09 -23.93 -4.46
C ILE A 244 -13.40 -23.15 -4.65
N CYS A 245 -13.44 -21.93 -4.12
CA CYS A 245 -14.67 -21.12 -4.20
C CYS A 245 -15.09 -20.77 -5.62
N HIS A 246 -14.09 -20.54 -6.50
CA HIS A 246 -14.38 -20.25 -7.90
C HIS A 246 -15.09 -21.48 -8.53
N THR A 247 -14.58 -22.67 -8.29
CA THR A 247 -15.23 -23.93 -8.75
C THR A 247 -16.64 -24.05 -8.17
N LEU A 248 -16.79 -23.81 -6.86
CA LEU A 248 -18.09 -24.01 -6.21
C LEU A 248 -19.12 -23.00 -6.72
N GLY A 249 -18.68 -21.76 -6.97
CA GLY A 249 -19.56 -20.71 -7.52
C GLY A 249 -19.83 -20.90 -9.00
N GLY A 250 -18.81 -21.31 -9.74
CA GLY A 250 -18.89 -21.42 -11.18
C GLY A 250 -19.62 -22.65 -11.65
N THR A 251 -19.19 -23.79 -11.14
CA THR A 251 -19.70 -25.07 -11.59
C THR A 251 -20.95 -25.51 -10.86
N PHE A 252 -21.03 -25.20 -9.56
CA PHE A 252 -22.17 -25.66 -8.77
C PHE A 252 -23.12 -24.56 -8.39
N ASN A 253 -22.82 -23.36 -8.83
CA ASN A 253 -23.65 -22.19 -8.54
C ASN A 253 -24.02 -22.02 -7.07
N LEU A 254 -23.09 -22.29 -6.17
CA LEU A 254 -23.36 -22.08 -4.74
C LEU A 254 -23.30 -20.58 -4.48
N PRO A 255 -24.01 -20.09 -3.45
CA PRO A 255 -24.01 -18.64 -3.20
C PRO A 255 -22.61 -18.16 -2.81
N HIS A 256 -22.23 -17.01 -3.35
CA HIS A 256 -20.88 -16.52 -3.27
C HIS A 256 -20.34 -16.27 -1.84
N ALA A 257 -20.95 -15.32 -1.11
CA ALA A 257 -20.43 -14.92 0.21
C ALA A 257 -20.44 -16.10 1.21
N GLN A 258 -21.54 -16.84 1.23
CA GLN A 258 -21.67 -18.01 2.09
C GLN A 258 -20.63 -19.10 1.78
N THR A 259 -20.31 -19.29 0.52
CA THR A 259 -19.36 -20.32 0.13
C THR A 259 -17.97 -19.92 0.63
N HIS A 260 -17.61 -18.67 0.41
CA HIS A 260 -16.35 -18.16 0.91
C HIS A 260 -16.29 -18.29 2.43
N ALA A 261 -17.38 -17.88 3.11
CA ALA A 261 -17.43 -17.93 4.55
C ALA A 261 -17.25 -19.34 5.05
N THR A 262 -17.93 -20.27 4.42
CA THR A 262 -17.92 -21.67 4.85
C THR A 262 -16.58 -22.35 4.60
N VAL A 263 -16.01 -22.13 3.43
CA VAL A 263 -14.80 -22.82 3.01
C VAL A 263 -13.53 -22.35 3.76
N LEU A 264 -13.48 -21.05 4.09
CA LEU A 264 -12.31 -20.42 4.70
C LEU A 264 -11.68 -21.18 5.89
N PRO A 265 -12.49 -21.50 6.92
CA PRO A 265 -11.86 -22.18 8.07
C PRO A 265 -11.23 -23.52 7.73
N TYR A 266 -11.78 -24.20 6.74
CA TYR A 266 -11.26 -25.51 6.29
C TYR A 266 -9.92 -25.35 5.55
N VAL A 267 -9.81 -24.31 4.74
CA VAL A 267 -8.52 -24.03 4.05
C VAL A 267 -7.50 -23.55 5.06
N LEU A 268 -7.94 -22.76 6.02
CA LEU A 268 -7.02 -22.33 7.08
C LEU A 268 -6.51 -23.54 7.86
N ALA A 269 -7.43 -24.36 8.34
CA ALA A 269 -7.07 -25.58 9.10
C ALA A 269 -6.12 -26.45 8.32
N PHE A 270 -6.39 -26.59 7.03
CA PHE A 270 -5.64 -27.45 6.12
C PHE A 270 -4.19 -26.96 5.91
N ASN A 271 -4.03 -25.67 5.61
CA ASN A 271 -2.69 -25.08 5.28
C ASN A 271 -1.84 -24.57 6.45
N ALA A 272 -2.49 -24.27 7.59
CA ALA A 272 -1.83 -23.56 8.70
C ALA A 272 -0.52 -24.17 9.11
N GLY A 273 -0.56 -25.47 9.43
CA GLY A 273 0.64 -26.19 9.91
C GLY A 273 1.85 -26.11 8.98
N ASP A 274 1.57 -26.00 7.67
CA ASP A 274 2.63 -25.90 6.69
C ASP A 274 3.01 -24.45 6.34
N ALA A 275 2.34 -23.48 6.97
CA ALA A 275 2.64 -22.04 6.70
C ALA A 275 2.83 -21.31 8.02
N PRO A 276 3.91 -21.60 8.74
CA PRO A 276 4.10 -21.07 10.10
C PRO A 276 4.17 -19.54 10.17
N GLU A 277 4.85 -18.93 9.23
CA GLU A 277 4.96 -17.47 9.22
C GLU A 277 3.59 -16.84 8.99
N ALA A 278 2.84 -17.38 8.03
CA ALA A 278 1.48 -16.91 7.75
C ALA A 278 0.58 -17.11 8.97
N GLU A 279 0.65 -18.31 9.56
CA GLU A 279 -0.16 -18.65 10.73
C GLU A 279 0.12 -17.68 11.89
N ARG A 280 1.39 -17.34 12.12
CA ARG A 280 1.73 -16.45 13.23
C ARG A 280 1.27 -15.01 12.95
N ARG A 281 1.36 -14.58 11.70
CA ARG A 281 0.89 -13.26 11.35
C ARG A 281 -0.63 -13.16 11.54
N ALA A 282 -1.36 -14.18 11.08
CA ALA A 282 -2.83 -14.18 11.21
C ALA A 282 -3.20 -14.19 12.71
N ALA A 283 -2.56 -15.08 13.45
CA ALA A 283 -2.75 -15.18 14.91
C ALA A 283 -2.59 -13.82 15.58
N ALA A 284 -1.49 -13.11 15.30
CA ALA A 284 -1.25 -11.78 15.85
C ALA A 284 -2.37 -10.82 15.47
N ALA A 285 -2.81 -10.87 14.22
CA ALA A 285 -3.85 -10.00 13.75
C ALA A 285 -5.16 -10.28 14.47
N PHE A 286 -5.43 -11.55 14.79
CA PHE A 286 -6.62 -11.93 15.54
C PHE A 286 -6.46 -11.62 17.03
N GLY A 287 -5.22 -11.56 17.51
CA GLY A 287 -4.96 -11.31 18.93
C GLY A 287 -5.12 -12.60 19.74
N THR A 288 -4.81 -13.73 19.11
CA THR A 288 -5.01 -15.03 19.70
C THR A 288 -3.74 -15.87 19.47
N ASP A 289 -3.65 -17.00 20.17
CA ASP A 289 -2.43 -17.84 20.11
C ASP A 289 -2.23 -18.52 18.78
N THR A 290 -3.33 -18.91 18.15
CA THR A 290 -3.29 -19.49 16.83
C THR A 290 -4.27 -18.77 15.91
N ALA A 291 -4.03 -18.87 14.61
CA ALA A 291 -4.89 -18.23 13.62
C ALA A 291 -6.28 -18.86 13.63
N LEU A 292 -6.32 -20.17 13.79
CA LEU A 292 -7.61 -20.91 13.74
C LEU A 292 -8.49 -20.59 14.94
N GLU A 293 -7.92 -20.49 16.14
CA GLU A 293 -8.78 -20.17 17.27
C GLU A 293 -9.31 -18.74 17.11
N GLY A 294 -8.52 -17.86 16.54
CA GLY A 294 -8.97 -16.52 16.25
C GLY A 294 -10.13 -16.56 15.27
N LEU A 295 -9.97 -17.28 14.17
CA LEU A 295 -11.04 -17.40 13.19
C LEU A 295 -12.29 -18.04 13.82
N GLN A 296 -12.09 -19.10 14.61
CA GLN A 296 -13.22 -19.83 15.21
C GLN A 296 -13.99 -18.96 16.22
N ARG A 297 -13.26 -18.16 17.02
CA ARG A 297 -13.90 -17.23 17.94
C ARG A 297 -14.69 -16.17 17.20
N LEU A 298 -14.15 -15.69 16.09
CA LEU A 298 -14.88 -14.73 15.30
C LEU A 298 -16.14 -15.36 14.78
N ARG A 299 -16.00 -16.55 14.19
CA ARG A 299 -17.16 -17.24 13.60
C ARG A 299 -18.26 -17.50 14.60
N LEU A 300 -17.90 -17.97 15.79
CA LEU A 300 -18.90 -18.15 16.83
C LEU A 300 -19.56 -16.80 17.20
N SER A 301 -18.76 -15.75 17.31
CA SER A 301 -19.30 -14.45 17.72
C SER A 301 -20.22 -13.81 16.67
N VAL A 302 -20.11 -14.20 15.42
CA VAL A 302 -20.96 -13.61 14.38
C VAL A 302 -21.97 -14.58 13.79
N ASN A 303 -22.17 -15.72 14.46
CA ASN A 303 -23.02 -16.79 13.93
C ASN A 303 -22.74 -17.10 12.43
N ALA A 304 -21.48 -17.37 12.10
CA ALA A 304 -21.04 -17.53 10.72
C ALA A 304 -21.63 -18.70 10.00
N PRO A 305 -21.66 -18.66 8.66
CA PRO A 305 -22.12 -19.85 7.90
C PRO A 305 -21.33 -21.09 8.27
N LYS A 306 -21.98 -22.26 8.33
CA LYS A 306 -21.32 -23.47 8.84
C LYS A 306 -21.08 -24.63 7.87
N ARG A 307 -21.93 -24.82 6.89
CA ARG A 307 -21.84 -26.03 6.09
C ARG A 307 -22.41 -25.86 4.68
N LEU A 308 -21.70 -26.38 3.68
CA LEU A 308 -22.12 -26.19 2.28
C LEU A 308 -23.41 -26.93 1.95
N SER A 309 -23.74 -27.96 2.74
CA SER A 309 -25.00 -28.65 2.60
C SER A 309 -26.20 -27.71 2.80
N ASP A 310 -26.03 -26.62 3.55
CA ASP A 310 -27.10 -25.66 3.71
C ASP A 310 -27.46 -24.95 2.39
N TYR A 311 -26.57 -25.02 1.38
CA TYR A 311 -26.78 -24.32 0.09
C TYR A 311 -26.96 -25.31 -1.05
N GLY A 312 -27.18 -26.56 -0.72
CA GLY A 312 -27.54 -27.56 -1.73
C GLY A 312 -26.38 -28.40 -2.26
N PHE A 313 -25.16 -28.11 -1.81
CA PHE A 313 -24.01 -28.91 -2.23
C PHE A 313 -24.17 -30.30 -1.64
N GLU A 314 -23.78 -31.32 -2.40
CA GLU A 314 -23.88 -32.71 -1.95
C GLU A 314 -22.54 -33.43 -2.14
N ALA A 315 -22.34 -34.50 -1.38
CA ALA A 315 -21.14 -35.31 -1.45
C ALA A 315 -20.87 -35.80 -2.86
N SER A 316 -21.93 -36.15 -3.58
CA SER A 316 -21.81 -36.70 -4.92
C SER A 316 -21.13 -35.72 -5.89
N GLY A 317 -21.16 -34.45 -5.58
CA GLY A 317 -20.51 -33.40 -6.39
C GLY A 317 -19.03 -33.10 -6.07
N ILE A 318 -18.52 -33.66 -4.97
CA ILE A 318 -17.13 -33.40 -4.56
C ILE A 318 -16.07 -33.94 -5.57
N ALA A 319 -16.26 -35.15 -6.09
CA ALA A 319 -15.32 -35.71 -7.07
C ALA A 319 -15.10 -34.73 -8.26
N GLU A 320 -16.19 -34.14 -8.75
CA GLU A 320 -16.12 -33.20 -9.84
C GLU A 320 -15.44 -31.88 -9.38
N ALA A 321 -15.84 -31.36 -8.22
CA ALA A 321 -15.26 -30.15 -7.72
C ALA A 321 -13.76 -30.33 -7.69
N VAL A 322 -13.34 -31.48 -7.16
CA VAL A 322 -11.93 -31.81 -7.05
C VAL A 322 -11.27 -31.92 -8.41
N ASP A 323 -11.92 -32.61 -9.34
CA ASP A 323 -11.44 -32.67 -10.73
C ASP A 323 -11.10 -31.32 -11.32
N VAL A 324 -12.04 -30.38 -11.21
CA VAL A 324 -11.92 -29.07 -11.76
C VAL A 324 -10.90 -28.16 -11.07
N THR A 325 -10.69 -28.39 -9.79
CA THR A 325 -9.89 -27.51 -8.97
C THR A 325 -8.44 -27.96 -8.78
N LEU A 326 -8.21 -29.25 -8.74
CA LEU A 326 -6.91 -29.77 -8.39
C LEU A 326 -5.83 -29.13 -9.27
N GLU A 327 -6.06 -29.08 -10.57
CA GLU A 327 -5.06 -28.55 -11.52
C GLU A 327 -4.95 -27.01 -11.47
N LYS A 328 -5.89 -26.34 -10.82
CA LYS A 328 -5.86 -24.89 -10.69
C LYS A 328 -5.11 -24.43 -9.43
N VAL A 329 -4.82 -25.35 -8.51
CA VAL A 329 -4.17 -24.98 -7.26
C VAL A 329 -2.73 -24.56 -7.52
N PRO A 330 -2.28 -23.44 -6.92
CA PRO A 330 -0.88 -23.03 -7.10
C PRO A 330 0.10 -24.09 -6.68
N ALA A 331 1.15 -24.26 -7.47
CA ALA A 331 2.19 -25.23 -7.14
C ALA A 331 2.75 -24.95 -5.73
N ASN A 332 2.75 -23.68 -5.33
CA ASN A 332 3.34 -23.32 -4.04
C ASN A 332 2.40 -23.34 -2.81
N ASN A 333 1.19 -23.88 -2.95
CA ASN A 333 0.33 -24.01 -1.76
C ASN A 333 1.12 -24.68 -0.61
N PRO A 334 0.98 -24.16 0.62
CA PRO A 334 1.77 -24.70 1.74
C PRO A 334 1.76 -26.23 1.89
N ARG A 335 0.56 -26.84 1.94
CA ARG A 335 0.41 -28.31 2.07
C ARG A 335 0.13 -28.87 0.68
N PRO A 336 0.85 -29.93 0.27
CA PRO A 336 0.59 -30.46 -1.08
C PRO A 336 -0.85 -31.00 -1.21
N VAL A 337 -1.54 -30.59 -2.26
CA VAL A 337 -2.91 -30.93 -2.42
C VAL A 337 -3.07 -32.16 -3.31
N THR A 338 -3.76 -33.15 -2.78
CA THR A 338 -4.05 -34.37 -3.55
C THR A 338 -5.54 -34.50 -3.79
N ARG A 339 -5.89 -35.44 -4.64
CA ARG A 339 -7.26 -35.71 -4.92
C ARG A 339 -7.96 -36.16 -3.62
N GLU A 340 -7.28 -36.99 -2.81
CA GLU A 340 -7.86 -37.47 -1.54
C GLU A 340 -8.03 -36.35 -0.49
N ASN A 341 -6.99 -35.54 -0.27
CA ASN A 341 -7.10 -34.57 0.81
C ASN A 341 -7.97 -33.36 0.46
N LEU A 342 -8.06 -33.02 -0.82
CA LEU A 342 -9.00 -31.99 -1.25
C LEU A 342 -10.43 -32.53 -1.13
N SER A 343 -10.62 -33.81 -1.46
CA SER A 343 -11.93 -34.44 -1.24
C SER A 343 -12.29 -34.40 0.24
N ARG A 344 -11.33 -34.68 1.13
CA ARG A 344 -11.57 -34.66 2.59
C ARG A 344 -11.90 -33.24 3.06
N LEU A 345 -11.21 -32.27 2.51
CA LEU A 345 -11.47 -30.88 2.84
C LEU A 345 -12.91 -30.52 2.49
N LEU A 346 -13.32 -30.85 1.28
CA LEU A 346 -14.69 -30.54 0.84
C LEU A 346 -15.77 -31.33 1.63
N GLU A 347 -15.44 -32.55 2.09
CA GLU A 347 -16.36 -33.33 2.94
C GLU A 347 -16.58 -32.61 4.25
N ALA A 348 -15.50 -32.06 4.82
CA ALA A 348 -15.60 -31.31 6.07
C ALA A 348 -16.45 -30.06 5.92
N ALA A 349 -16.23 -29.32 4.83
CA ALA A 349 -16.99 -28.10 4.56
C ALA A 349 -18.45 -28.43 4.25
N LEU A 350 -18.69 -29.56 3.61
CA LEU A 350 -20.03 -29.99 3.28
C LEU A 350 -20.89 -30.10 4.51
N ASN A 351 -20.38 -30.79 5.53
CA ASN A 351 -21.15 -31.05 6.76
C ASN A 351 -20.81 -30.19 7.95
N GLY A 352 -19.93 -29.24 7.75
CA GLY A 352 -19.54 -28.38 8.83
C GLY A 352 -18.89 -29.11 9.99
N GLU A 353 -17.93 -29.99 9.68
CA GLU A 353 -17.18 -30.67 10.71
C GLU A 353 -16.27 -29.70 11.37
N ASP A 354 -15.79 -30.04 12.56
CA ASP A 354 -14.78 -29.25 13.23
C ASP A 354 -13.63 -29.10 12.25
N PRO A 355 -13.25 -27.83 11.88
CA PRO A 355 -12.16 -27.67 10.91
C PRO A 355 -10.85 -28.31 11.38
N ALA A 356 -10.71 -28.46 12.69
CA ALA A 356 -9.52 -29.04 13.30
C ALA A 356 -9.28 -30.47 12.81
N VAL A 357 -10.32 -31.12 12.25
CA VAL A 357 -10.18 -32.44 11.67
C VAL A 357 -9.18 -32.43 10.51
N LEU A 358 -8.93 -31.27 9.91
CA LEU A 358 -7.97 -31.17 8.81
C LEU A 358 -6.54 -30.70 9.25
N SER A 359 -6.32 -30.43 10.54
CA SER A 359 -5.02 -29.92 11.03
C SER A 359 -3.95 -31.02 11.00
N ASN B 4 -17.41 11.81 15.97
CA ASN B 4 -16.56 11.78 14.77
C ASN B 4 -16.28 10.35 14.38
N SER B 5 -16.50 10.03 13.10
CA SER B 5 -16.24 8.72 12.56
C SER B 5 -15.05 8.78 11.59
N LEU B 6 -14.49 7.63 11.26
CA LEU B 6 -13.38 7.53 10.30
C LEU B 6 -13.64 8.30 8.99
N ALA B 7 -12.71 9.15 8.60
CA ALA B 7 -12.78 9.91 7.37
C ALA B 7 -11.37 10.17 6.84
N PHE B 8 -11.15 9.89 5.56
CA PHE B 8 -9.86 10.13 4.93
C PHE B 8 -10.00 10.02 3.42
N ASN B 9 -9.00 10.53 2.73
CA ASN B 9 -8.91 10.51 1.29
C ASN B 9 -7.51 10.03 1.05
N HIS B 10 -7.35 8.84 0.46
CA HIS B 10 -6.02 8.30 0.24
C HIS B 10 -5.75 8.11 -1.23
N ASP B 11 -4.52 8.45 -1.63
CA ASP B 11 -4.03 8.19 -3.00
C ASP B 11 -2.94 7.21 -2.96
N THR B 12 -3.14 6.07 -3.62
CA THR B 12 -2.13 5.08 -3.73
C THR B 12 -1.50 5.25 -5.10
N LEU B 13 -0.20 5.44 -5.13
CA LEU B 13 0.52 5.75 -6.34
C LEU B 13 0.96 4.49 -7.03
N PRO B 14 0.94 4.48 -8.37
CA PRO B 14 1.37 3.30 -9.14
C PRO B 14 2.89 3.12 -9.09
N GLN B 15 3.36 1.90 -8.82
CA GLN B 15 4.80 1.61 -8.86
C GLN B 15 5.04 0.11 -8.87
N LYS B 16 6.05 -0.32 -9.61
CA LYS B 16 6.53 -1.68 -9.53
C LYS B 16 7.75 -1.67 -8.68
N VAL B 17 7.87 -2.65 -7.80
CA VAL B 17 9.07 -2.81 -6.98
C VAL B 17 9.64 -4.19 -7.17
N PHE B 19 12.65 -6.55 -5.88
CA PHE B 19 13.53 -6.63 -4.70
C PHE B 19 14.32 -7.93 -4.66
N GLY B 20 15.63 -7.83 -4.49
CA GLY B 20 16.43 -9.03 -4.32
C GLY B 20 17.94 -8.85 -4.35
N TYR B 21 18.61 -9.47 -3.39
CA TYR B 21 20.09 -9.38 -3.30
C TYR B 21 20.71 -9.99 -4.53
N GLY B 22 21.63 -9.26 -5.16
CA GLY B 22 22.34 -9.74 -6.35
C GLY B 22 21.55 -9.77 -7.66
N LYS B 23 20.33 -9.26 -7.65
CA LYS B 23 19.49 -9.39 -8.81
C LYS B 23 19.32 -8.14 -9.64
N SER B 24 20.05 -7.06 -9.34
CA SER B 24 19.75 -5.77 -10.02
C SER B 24 19.99 -5.83 -11.51
N SER B 25 21.09 -6.41 -11.93
CA SER B 25 21.41 -6.45 -13.35
C SER B 25 20.41 -7.33 -14.10
N ALA B 26 19.97 -8.43 -13.46
CA ALA B 26 18.99 -9.34 -14.07
C ALA B 26 17.59 -8.72 -14.06
N PHE B 27 17.20 -8.09 -12.95
CA PHE B 27 15.94 -7.34 -12.90
C PHE B 27 15.88 -6.23 -13.99
N LEU B 28 16.99 -5.49 -14.17
CA LEU B 28 17.04 -4.40 -15.16
C LEU B 28 16.89 -4.93 -16.57
N LYS B 29 17.57 -6.02 -16.87
CA LYS B 29 17.45 -6.66 -18.15
C LYS B 29 15.98 -7.02 -18.41
N GLN B 30 15.35 -7.61 -17.40
CA GLN B 30 13.96 -8.05 -17.54
C GLN B 30 13.02 -6.85 -17.78
N GLU B 31 13.27 -5.76 -17.05
CA GLU B 31 12.48 -4.57 -17.16
C GLU B 31 12.64 -3.88 -18.51
N VAL B 32 13.88 -3.75 -18.99
CA VAL B 32 14.15 -3.15 -20.30
C VAL B 32 13.55 -4.04 -21.41
N GLU B 33 13.59 -5.35 -21.22
CA GLU B 33 12.96 -6.29 -22.17
C GLU B 33 11.44 -6.10 -22.14
N ARG B 34 10.88 -6.15 -20.94
CA ARG B 34 9.45 -5.95 -20.75
C ARG B 34 8.95 -4.65 -21.43
N ARG B 35 9.76 -3.59 -21.33
CA ARG B 35 9.39 -2.27 -21.88
C ARG B 35 9.65 -2.14 -23.36
N GLY B 36 10.67 -2.85 -23.84
CA GLY B 36 11.11 -2.75 -25.24
C GLY B 36 11.95 -1.50 -25.52
N SER B 37 12.61 -0.98 -24.47
CA SER B 37 13.35 0.29 -24.60
C SER B 37 14.53 0.18 -25.55
N ALA B 38 14.66 1.16 -26.45
CA ALA B 38 15.67 1.15 -27.48
C ALA B 38 16.87 2.04 -27.16
N LYS B 39 16.69 3.02 -26.27
CA LYS B 39 17.77 3.95 -25.95
C LYS B 39 17.78 4.29 -24.46
N VAL B 40 18.51 3.50 -23.69
CA VAL B 40 18.56 3.64 -22.23
C VAL B 40 19.63 4.65 -21.78
N VAL B 42 21.66 5.93 -18.58
CA VAL B 42 22.03 5.63 -17.22
C VAL B 42 22.60 6.84 -16.54
N ILE B 43 21.98 7.22 -15.43
CA ILE B 43 22.37 8.37 -14.63
C ILE B 43 22.95 7.87 -13.31
N ALA B 44 24.22 8.18 -13.10
CA ALA B 44 24.92 7.84 -11.87
C ALA B 44 25.99 8.90 -11.66
N GLY B 45 26.16 9.31 -10.41
CA GLY B 45 27.19 10.26 -10.07
C GLY B 45 28.55 9.72 -10.47
N GLU B 46 29.41 10.64 -10.90
CA GLU B 46 30.80 10.35 -11.29
C GLU B 46 31.46 9.32 -10.39
N ARG B 47 31.23 9.44 -9.08
CA ARG B 47 31.84 8.53 -8.14
C ARG B 47 31.06 7.20 -8.00
N GLU B 48 29.81 7.18 -8.46
CA GLU B 48 28.98 5.95 -8.40
C GLU B 48 29.01 5.19 -9.73
N SER B 50 31.00 3.46 -11.68
CA SER B 50 31.57 2.12 -11.95
C SER B 50 30.58 1.06 -11.51
N ILE B 51 29.88 1.32 -10.41
CA ILE B 51 28.81 0.42 -9.97
C ILE B 51 27.71 0.35 -11.01
N ALA B 52 27.27 1.52 -11.46
CA ALA B 52 26.23 1.63 -12.49
C ALA B 52 26.56 0.78 -13.74
N HIS B 53 27.82 0.77 -14.13
CA HIS B 53 28.24 -0.05 -15.29
C HIS B 53 28.02 -1.52 -15.03
N LYS B 54 28.33 -1.95 -13.82
CA LYS B 54 28.12 -3.32 -13.44
C LYS B 54 26.61 -3.62 -13.37
N VAL B 55 25.84 -2.73 -12.76
CA VAL B 55 24.37 -2.89 -12.68
C VAL B 55 23.74 -2.96 -14.08
N ALA B 56 24.22 -2.12 -14.99
CA ALA B 56 23.64 -2.08 -16.34
C ALA B 56 24.41 -2.97 -17.33
N SER B 57 25.21 -3.90 -16.79
CA SER B 57 26.03 -4.79 -17.61
C SER B 57 25.23 -5.69 -18.55
N GLU B 58 24.00 -6.03 -18.19
CA GLU B 58 23.20 -6.97 -19.03
C GLU B 58 22.29 -6.29 -20.05
N ILE B 59 22.37 -4.97 -20.18
CA ILE B 59 21.55 -4.26 -21.18
C ILE B 59 22.46 -3.36 -22.03
N GLU B 60 21.99 -2.98 -23.20
CA GLU B 60 22.72 -2.02 -24.03
C GLU B 60 22.36 -0.60 -23.56
N VAL B 61 23.36 0.24 -23.30
CA VAL B 61 23.12 1.61 -22.81
C VAL B 61 23.53 2.62 -23.84
N ALA B 62 22.63 3.55 -24.16
CA ALA B 62 22.93 4.57 -25.17
C ALA B 62 23.74 5.74 -24.58
N ILE B 63 23.45 6.12 -23.33
CA ILE B 63 24.11 7.24 -22.70
C ILE B 63 24.40 6.98 -21.22
N TRP B 64 25.64 7.29 -20.82
CA TRP B 64 26.05 7.27 -19.42
C TRP B 64 26.23 8.72 -19.01
N HIS B 65 25.38 9.19 -18.10
CA HIS B 65 25.39 10.60 -17.71
C HIS B 65 25.82 10.73 -16.27
N ASP B 66 26.96 11.38 -16.02
CA ASP B 66 27.50 11.44 -14.66
C ASP B 66 27.46 12.80 -13.96
N GLU B 67 26.81 13.79 -14.54
CA GLU B 67 26.70 15.07 -13.86
C GLU B 67 25.53 15.03 -12.88
N VAL B 68 25.80 14.51 -11.68
CA VAL B 68 24.83 14.46 -10.63
C VAL B 68 25.32 15.38 -9.53
N VAL B 69 24.48 16.35 -9.18
CA VAL B 69 24.83 17.40 -8.26
C VAL B 69 23.72 17.61 -7.20
N HIS B 71 21.04 18.97 -4.67
CA HIS B 71 19.97 19.98 -4.82
C HIS B 71 19.55 20.25 -6.27
N VAL B 72 20.06 19.45 -7.20
CA VAL B 72 19.66 19.49 -8.62
C VAL B 72 19.53 20.89 -9.18
N PRO B 73 20.68 21.57 -9.40
CA PRO B 73 20.70 22.87 -10.01
C PRO B 73 20.01 22.84 -11.37
N ILE B 74 19.28 23.92 -11.68
CA ILE B 74 18.48 23.97 -12.86
C ILE B 74 19.33 23.84 -14.13
N GLU B 75 20.55 24.38 -14.10
CA GLU B 75 21.43 24.27 -15.27
C GLU B 75 21.87 22.81 -15.45
N VAL B 76 22.05 22.09 -14.35
CA VAL B 76 22.39 20.68 -14.41
C VAL B 76 21.19 19.94 -15.00
N ALA B 77 19.99 20.26 -14.51
CA ALA B 77 18.76 19.65 -15.00
C ALA B 77 18.55 19.98 -16.50
N GLU B 78 18.87 21.22 -16.91
CA GLU B 78 18.77 21.65 -18.31
CA GLU B 78 18.73 21.61 -18.31
C GLU B 78 19.73 20.88 -19.22
N ARG B 79 20.97 20.72 -18.76
CA ARG B 79 21.95 19.97 -19.54
C ARG B 79 21.49 18.51 -19.68
N ALA B 80 20.98 17.94 -18.60
CA ALA B 80 20.55 16.56 -18.59
C ALA B 80 19.35 16.33 -19.51
N ARG B 81 18.39 17.27 -19.48
CA ARG B 81 17.21 17.18 -20.38
C ARG B 81 17.67 17.20 -21.83
N ALA B 82 18.67 18.03 -22.11
CA ALA B 82 19.21 18.16 -23.47
C ALA B 82 19.85 16.85 -23.93
N VAL B 83 20.62 16.23 -23.05
CA VAL B 83 21.26 14.95 -23.37
C VAL B 83 20.18 13.89 -23.66
N ALA B 84 19.16 13.82 -22.80
CA ALA B 84 18.06 12.86 -23.00
C ALA B 84 17.37 13.13 -24.33
N THR B 85 17.07 14.39 -24.57
CA THR B 85 16.34 14.81 -25.76
C THR B 85 17.15 14.71 -27.04
N ASP B 86 18.41 15.16 -27.01
CA ASP B 86 19.26 15.09 -28.19
C ASP B 86 19.58 13.66 -28.58
N ASN B 87 19.63 12.75 -27.60
CA ASN B 87 19.97 11.33 -27.87
C ASN B 87 18.76 10.42 -28.04
N GLU B 88 17.56 11.01 -28.12
CA GLU B 88 16.34 10.22 -28.36
C GLU B 88 16.15 9.11 -27.30
N ILE B 89 16.49 9.42 -26.06
CA ILE B 89 16.40 8.45 -24.98
C ILE B 89 14.95 8.15 -24.70
N ASP B 90 14.65 6.88 -24.42
CA ASP B 90 13.25 6.47 -24.11
C ASP B 90 13.09 5.75 -22.75
N LEU B 91 14.17 5.68 -21.99
CA LEU B 91 14.11 5.17 -20.64
C LEU B 91 15.22 5.79 -19.84
N LEU B 92 14.87 6.32 -18.66
CA LEU B 92 15.84 6.81 -17.74
C LEU B 92 16.08 5.72 -16.70
N VAL B 93 17.35 5.45 -16.40
CA VAL B 93 17.74 4.50 -15.35
C VAL B 93 18.74 5.18 -14.41
N CYS B 94 18.34 5.41 -13.16
CA CYS B 94 19.22 6.07 -12.20
C CYS B 94 19.70 5.09 -11.14
N VAL B 95 21.00 5.16 -10.85
CA VAL B 95 21.64 4.29 -9.89
C VAL B 95 22.37 5.17 -8.90
N GLY B 96 21.84 5.28 -7.69
CA GLY B 96 22.46 6.08 -6.66
C GLY B 96 21.47 6.59 -5.63
N GLY B 97 21.85 7.69 -4.99
CA GLY B 97 21.03 8.30 -3.96
C GLY B 97 20.08 9.37 -4.45
N GLY B 98 19.64 10.20 -3.51
CA GLY B 98 18.63 11.22 -3.76
C GLY B 98 18.94 12.22 -4.87
N SER B 99 20.18 12.67 -4.96
CA SER B 99 20.57 13.64 -5.97
CA SER B 99 20.57 13.63 -5.96
C SER B 99 20.51 13.01 -7.35
N THR B 100 20.80 11.72 -7.42
CA THR B 100 20.78 10.99 -8.67
C THR B 100 19.35 10.74 -9.09
N ILE B 101 18.54 10.24 -8.16
CA ILE B 101 17.11 10.07 -8.41
C ILE B 101 16.49 11.46 -8.73
N GLY B 102 16.96 12.48 -8.03
CA GLY B 102 16.50 13.87 -8.24
C GLY B 102 16.76 14.38 -9.65
N LEU B 103 17.92 14.03 -10.21
CA LEU B 103 18.23 14.42 -11.58
C LEU B 103 17.26 13.72 -12.56
N ALA B 104 17.08 12.42 -12.39
CA ALA B 104 16.13 11.65 -13.20
C ALA B 104 14.72 12.30 -13.15
N LYS B 105 14.29 12.69 -11.95
CA LYS B 105 13.01 13.34 -11.80
C LYS B 105 12.94 14.63 -12.58
N ALA B 106 14.00 15.43 -12.48
CA ALA B 106 14.06 16.71 -13.18
C ALA B 106 13.95 16.53 -14.69
N ILE B 107 14.55 15.46 -15.22
CA ILE B 107 14.43 15.19 -16.64
C ILE B 107 12.98 14.77 -16.96
N ALA B 108 12.38 13.94 -16.09
CA ALA B 108 11.02 13.45 -16.33
C ALA B 108 10.03 14.59 -16.39
N THR B 110 9.95 17.46 -17.71
CA THR B 110 9.74 18.11 -19.00
C THR B 110 9.71 17.14 -20.16
N THR B 111 10.26 15.95 -19.98
CA THR B 111 10.28 14.97 -21.08
C THR B 111 9.19 13.90 -20.91
N ALA B 112 8.73 13.74 -19.67
CA ALA B 112 7.76 12.70 -19.32
C ALA B 112 8.31 11.30 -19.59
N LEU B 113 9.64 11.16 -19.60
CA LEU B 113 10.26 9.87 -19.78
C LEU B 113 10.07 9.05 -18.52
N PRO B 114 9.90 7.74 -18.68
CA PRO B 114 9.75 6.87 -17.52
C PRO B 114 11.09 6.63 -16.82
N ILE B 115 11.05 6.46 -15.50
CA ILE B 115 12.22 6.23 -14.68
C ILE B 115 12.20 4.83 -14.01
N VAL B 116 13.30 4.13 -14.13
CA VAL B 116 13.58 2.93 -13.35
C VAL B 116 14.66 3.35 -12.35
N ALA B 117 14.32 3.35 -11.08
CA ALA B 117 15.27 3.78 -10.04
C ALA B 117 15.93 2.60 -9.33
N ILE B 118 17.24 2.69 -9.18
CA ILE B 118 18.02 1.65 -8.54
C ILE B 118 18.78 2.31 -7.37
N PRO B 119 18.13 2.41 -6.20
CA PRO B 119 18.67 3.23 -5.13
C PRO B 119 19.75 2.59 -4.31
N THR B 120 20.61 3.42 -3.73
CA THR B 120 21.74 2.94 -2.94
C THR B 120 21.80 3.51 -1.52
N THR B 121 20.77 4.22 -1.10
CA THR B 121 20.71 4.76 0.26
C THR B 121 19.30 4.59 0.76
N TYR B 122 19.01 5.08 1.97
CA TYR B 122 17.69 4.91 2.56
C TYR B 122 16.79 6.19 2.54
N ALA B 123 17.12 7.16 1.70
CA ALA B 123 16.41 8.45 1.65
C ALA B 123 14.98 8.36 1.02
N GLY B 124 14.72 7.35 0.20
CA GLY B 124 13.38 7.07 -0.28
C GLY B 124 12.77 7.96 -1.36
N SER B 125 13.58 8.81 -1.99
CA SER B 125 13.10 9.70 -3.03
C SER B 125 12.46 8.92 -4.17
N GLU B 126 12.93 7.68 -4.38
CA GLU B 126 12.36 6.81 -5.42
C GLU B 126 10.89 6.49 -5.25
N ALA B 127 10.36 6.70 -4.03
CA ALA B 127 9.00 6.35 -3.71
C ALA B 127 8.06 7.55 -3.66
N THR B 128 8.54 8.73 -4.02
CA THR B 128 7.67 9.89 -3.99
C THR B 128 7.51 10.53 -5.38
N ASN B 129 6.43 11.27 -5.51
CA ASN B 129 6.12 12.03 -6.71
C ASN B 129 6.54 13.51 -6.53
N VAL B 130 7.49 13.74 -5.63
CA VAL B 130 7.98 15.08 -5.34
C VAL B 130 9.33 15.38 -6.04
N TRP B 131 9.36 16.47 -6.80
CA TRP B 131 10.59 16.92 -7.47
C TRP B 131 11.17 18.13 -6.75
N GLY B 132 12.46 18.38 -6.96
CA GLY B 132 13.16 19.49 -6.35
C GLY B 132 14.22 20.09 -7.28
N LEU B 133 14.27 21.42 -7.30
CA LEU B 133 15.23 22.17 -8.14
C LEU B 133 15.80 23.35 -7.41
N THR B 134 17.06 23.68 -7.71
CA THR B 134 17.69 24.92 -7.21
C THR B 134 18.00 25.86 -8.38
N GLU B 135 17.68 27.14 -8.20
CA GLU B 135 17.98 28.16 -9.19
C GLU B 135 18.15 29.52 -8.51
N ALA B 136 19.38 30.06 -8.57
CA ALA B 136 19.68 31.33 -7.95
C ALA B 136 19.56 31.21 -6.43
N ALA B 137 20.21 30.18 -5.87
CA ALA B 137 20.21 29.92 -4.43
C ALA B 137 18.83 29.62 -3.84
N ARG B 138 17.83 29.46 -4.72
CA ARG B 138 16.46 29.23 -4.29
C ARG B 138 16.05 27.82 -4.68
N LYS B 139 15.77 26.98 -3.67
CA LYS B 139 15.28 25.62 -3.91
C LYS B 139 13.78 25.66 -4.10
N THR B 140 13.28 24.95 -5.09
CA THR B 140 11.83 24.87 -5.34
C THR B 140 11.36 23.41 -5.49
N THR B 141 10.17 23.10 -4.97
CA THR B 141 9.63 21.75 -5.02
C THR B 141 8.20 21.74 -5.54
N GLY B 142 7.78 20.56 -5.94
CA GLY B 142 6.46 20.37 -6.44
C GLY B 142 6.15 18.90 -6.51
N VAL B 143 4.90 18.61 -6.86
CA VAL B 143 4.40 17.25 -6.96
C VAL B 143 3.95 17.02 -8.38
N ASP B 144 4.36 15.90 -8.95
CA ASP B 144 3.90 15.52 -10.26
C ASP B 144 4.10 14.02 -10.44
N LEU B 145 3.03 13.32 -10.82
CA LEU B 145 3.09 11.86 -11.06
C LEU B 145 4.18 11.48 -12.09
N LYS B 146 4.49 12.39 -13.03
CA LYS B 146 5.55 12.16 -14.01
C LYS B 146 6.92 11.94 -13.37
N VAL B 147 7.16 12.47 -12.18
CA VAL B 147 8.49 12.33 -11.56
C VAL B 147 8.65 11.08 -10.67
N LEU B 148 7.54 10.42 -10.38
CA LEU B 148 7.57 9.16 -9.63
C LEU B 148 8.15 8.04 -10.49
N PRO B 149 9.25 7.39 -10.04
CA PRO B 149 9.75 6.23 -10.81
C PRO B 149 8.69 5.14 -10.99
N GLU B 150 8.55 4.64 -12.21
CA GLU B 150 7.60 3.62 -12.48
C GLU B 150 8.01 2.28 -11.91
N THR B 151 9.32 2.06 -11.83
CA THR B 151 9.86 0.82 -11.31
C THR B 151 11.04 1.12 -10.44
N VAL B 152 11.10 0.43 -9.30
CA VAL B 152 12.20 0.55 -8.38
C VAL B 152 12.83 -0.81 -8.24
N ILE B 153 14.13 -0.87 -8.48
CA ILE B 153 14.85 -2.11 -8.33
C ILE B 153 15.71 -1.98 -7.10
N TYR B 154 15.36 -2.73 -6.05
CA TYR B 154 16.13 -2.75 -4.81
C TYR B 154 17.03 -3.94 -4.71
N ASP B 155 18.33 -3.69 -4.67
CA ASP B 155 19.33 -4.72 -4.55
C ASP B 155 20.25 -4.37 -3.43
N SER B 156 20.09 -5.05 -2.30
CA SER B 156 20.83 -4.70 -1.09
C SER B 156 22.38 -4.77 -1.25
N GLU B 157 22.87 -5.53 -2.24
CA GLU B 157 24.30 -5.63 -2.48
C GLU B 157 24.87 -4.25 -2.81
N LEU B 158 24.05 -3.42 -3.44
CA LEU B 158 24.44 -2.07 -3.82
C LEU B 158 24.53 -1.08 -2.65
N THR B 159 24.02 -1.45 -1.49
CA THR B 159 24.06 -0.58 -0.33
C THR B 159 25.19 -0.99 0.65
N SER B 161 28.49 -1.15 0.45
CA SER B 161 29.67 -0.28 0.53
C SER B 161 29.34 1.04 1.26
N LEU B 162 28.06 1.36 1.54
CA LEU B 162 27.74 2.58 2.28
C LEU B 162 28.24 2.41 3.72
N PRO B 163 29.17 3.30 4.17
CA PRO B 163 29.77 3.14 5.50
C PRO B 163 28.74 3.07 6.63
N VAL B 164 29.12 2.42 7.73
CA VAL B 164 28.20 2.19 8.83
C VAL B 164 27.58 3.50 9.35
N GLU B 165 28.39 4.53 9.54
CA GLU B 165 27.86 5.79 10.07
C GLU B 165 26.83 6.43 9.15
N SER B 167 25.18 4.85 6.70
CA SER B 167 24.07 3.91 6.62
C SER B 167 23.10 4.14 7.76
N VAL B 168 23.65 4.35 8.96
CA VAL B 168 22.85 4.61 10.14
C VAL B 168 22.12 5.95 10.04
N ALA B 169 22.85 7.00 9.66
CA ALA B 169 22.27 8.35 9.49
C ALA B 169 21.12 8.30 8.52
N SER B 170 21.37 7.70 7.35
CA SER B 170 20.40 7.56 6.29
C SER B 170 19.19 6.73 6.70
N GLY B 171 19.43 5.67 7.46
CA GLY B 171 18.36 4.82 7.95
C GLY B 171 17.43 5.58 8.88
N LEU B 172 17.98 6.48 9.69
CA LEU B 172 17.16 7.25 10.65
C LEU B 172 16.37 8.35 9.93
N ASN B 173 16.87 8.79 8.77
CA ASN B 173 16.16 9.69 7.84
C ASN B 173 14.93 8.97 7.36
N GLY B 174 15.09 7.70 6.96
CA GLY B 174 13.97 6.85 6.58
C GLY B 174 13.00 6.64 7.73
N LEU B 175 13.54 6.39 8.92
CA LEU B 175 12.72 6.21 10.10
C LEU B 175 11.89 7.48 10.40
N ALA B 176 12.45 8.64 10.05
CA ALA B 176 11.79 9.91 10.26
C ALA B 176 10.67 10.10 9.29
N HIS B 177 10.82 9.58 8.06
CA HIS B 177 9.69 9.57 7.12
C HIS B 177 8.53 8.79 7.77
N CYS B 178 8.83 7.69 8.47
CA CYS B 178 7.79 6.84 9.10
C CYS B 178 7.11 7.58 10.25
N ILE B 179 7.92 8.00 11.21
CA ILE B 179 7.43 8.58 12.46
C ILE B 179 6.72 9.93 12.29
N ASP B 180 7.31 10.84 11.53
CA ASP B 180 6.70 12.14 11.29
C ASP B 180 5.36 11.95 10.56
N SER B 181 5.29 10.92 9.71
CA SER B 181 4.07 10.66 8.93
C SER B 181 2.90 10.19 9.77
N LEU B 182 3.18 9.65 10.94
CA LEU B 182 2.14 9.20 11.84
C LEU B 182 1.24 10.36 12.31
N TRP B 183 1.75 11.61 12.22
CA TRP B 183 0.94 12.81 12.49
C TRP B 183 1.09 13.82 11.35
N GLY B 184 1.36 13.33 10.15
CA GLY B 184 1.56 14.20 9.01
C GLY B 184 0.26 14.88 8.66
N PRO B 185 0.34 15.98 7.88
CA PRO B 185 -0.85 16.74 7.51
C PRO B 185 -1.97 15.86 6.88
N ASN B 186 -1.59 14.79 6.19
CA ASN B 186 -2.55 13.89 5.59
C ASN B 186 -2.40 12.46 6.07
N ALA B 187 -2.09 12.30 7.34
CA ALA B 187 -2.05 10.99 7.96
C ALA B 187 -3.38 10.27 7.79
N ASP B 188 -3.29 8.97 7.50
CA ASP B 188 -4.49 8.16 7.37
C ASP B 188 -4.16 6.73 7.78
N PRO B 189 -5.19 5.86 7.87
CA PRO B 189 -4.91 4.55 8.42
C PRO B 189 -4.00 3.71 7.55
N ILE B 190 -4.02 3.95 6.25
CA ILE B 190 -3.23 3.18 5.32
C ILE B 190 -1.75 3.62 5.40
N ASN B 191 -1.48 4.92 5.23
CA ASN B 191 -0.11 5.39 5.35
C ASN B 191 0.43 5.13 6.77
N ALA B 192 -0.46 5.08 7.77
CA ALA B 192 -0.06 4.71 9.14
C ALA B 192 0.45 3.24 9.26
N VAL B 193 -0.24 2.26 8.65
CA VAL B 193 0.21 0.86 8.72
CA VAL B 193 0.21 0.86 8.73
C VAL B 193 1.56 0.70 8.00
N LEU B 194 1.71 1.40 6.89
CA LEU B 194 2.91 1.32 6.11
C LEU B 194 4.08 1.98 6.84
N ALA B 195 3.83 3.09 7.52
CA ALA B 195 4.86 3.73 8.34
C ALA B 195 5.34 2.80 9.47
N ALA B 196 4.40 2.12 10.12
CA ALA B 196 4.69 1.19 11.19
C ALA B 196 5.55 0.03 10.70
N GLU B 197 5.19 -0.51 9.54
CA GLU B 197 5.95 -1.59 8.94
C GLU B 197 7.34 -1.12 8.62
N GLY B 198 7.47 0.12 8.14
CA GLY B 198 8.79 0.71 7.93
C GLY B 198 9.59 0.77 9.21
N ILE B 199 8.96 1.22 10.29
CA ILE B 199 9.66 1.28 11.61
C ILE B 199 10.12 -0.13 12.05
N ARG B 200 9.24 -1.11 11.90
CA ARG B 200 9.56 -2.50 12.27
C ARG B 200 10.80 -2.97 11.54
N ALA B 201 10.82 -2.74 10.23
CA ALA B 201 11.91 -3.22 9.38
C ALA B 201 13.22 -2.50 9.66
N LEU B 202 13.19 -1.18 9.74
CA LEU B 202 14.40 -0.39 9.99
C LEU B 202 14.98 -0.67 11.37
N ASN B 203 14.10 -0.85 12.35
CA ASN B 203 14.52 -1.18 13.70
C ASN B 203 15.21 -2.53 13.76
N GLN B 204 14.72 -3.50 12.98
CA GLN B 204 15.37 -4.81 12.89
C GLN B 204 16.67 -4.74 12.11
N GLY B 205 16.63 -4.04 10.98
CA GLY B 205 17.79 -4.03 10.07
C GLY B 205 19.01 -3.23 10.49
N LEU B 206 18.80 -2.03 11.03
CA LEU B 206 19.94 -1.12 11.31
C LEU B 206 20.96 -1.69 12.33
N PRO B 207 20.48 -2.31 13.43
CA PRO B 207 21.50 -2.93 14.31
C PRO B 207 22.31 -4.03 13.61
N LYS B 208 21.65 -4.78 12.71
CA LYS B 208 22.33 -5.84 11.98
C LYS B 208 23.41 -5.25 11.07
N ILE B 209 23.13 -4.10 10.47
CA ILE B 209 24.09 -3.42 9.60
C ILE B 209 25.34 -2.97 10.42
N VAL B 210 25.09 -2.39 11.57
CA VAL B 210 26.17 -1.95 12.44
C VAL B 210 27.09 -3.11 12.81
N ALA B 211 26.49 -4.26 13.11
CA ALA B 211 27.22 -5.47 13.47
C ALA B 211 27.85 -6.11 12.26
N ASN B 212 27.18 -6.03 11.11
CA ASN B 212 27.70 -6.63 9.88
C ASN B 212 27.20 -5.88 8.65
N PRO B 213 28.02 -4.91 8.15
CA PRO B 213 27.66 -4.08 7.00
C PRO B 213 27.36 -4.85 5.72
N HIS B 214 27.77 -6.11 5.65
CA HIS B 214 27.44 -6.95 4.51
C HIS B 214 26.36 -7.97 4.85
N SER B 215 25.57 -7.66 5.88
CA SER B 215 24.48 -8.53 6.28
C SER B 215 23.37 -8.48 5.25
N ILE B 216 23.10 -9.62 4.60
CA ILE B 216 22.05 -9.68 3.61
C ILE B 216 20.71 -9.42 4.29
N GLU B 217 20.44 -10.16 5.37
CA GLU B 217 19.21 -9.99 6.11
C GLU B 217 19.01 -8.55 6.59
N GLY B 218 20.02 -7.98 7.23
CA GLY B 218 19.92 -6.63 7.75
C GLY B 218 19.84 -5.55 6.70
N ARG B 219 20.65 -5.65 5.66
CA ARG B 219 20.59 -4.66 4.58
C ARG B 219 19.25 -4.77 3.83
N ASP B 220 18.71 -6.00 3.71
CA ASP B 220 17.40 -6.17 3.06
C ASP B 220 16.29 -5.47 3.90
N GLU B 221 16.29 -5.71 5.21
CA GLU B 221 15.30 -5.12 6.09
C GLU B 221 15.34 -3.59 6.03
N ALA B 222 16.54 -3.03 6.02
CA ALA B 222 16.70 -1.58 5.99
C ALA B 222 16.18 -0.99 4.65
N LEU B 223 16.46 -1.68 3.56
CA LEU B 223 16.13 -1.16 2.27
C LEU B 223 14.60 -1.27 2.05
N TYR B 224 14.04 -2.40 2.46
CA TYR B 224 12.60 -2.59 2.44
C TYR B 224 11.92 -1.56 3.33
N GLY B 225 12.45 -1.40 4.54
CA GLY B 225 11.91 -0.40 5.46
C GLY B 225 11.95 1.02 4.90
N ALA B 226 13.06 1.36 4.23
CA ALA B 226 13.17 2.69 3.62
C ALA B 226 12.07 2.87 2.54
N TYR B 227 11.73 1.80 1.84
CA TYR B 227 10.71 1.91 0.81
C TYR B 227 9.37 2.28 1.40
N LEU B 228 8.93 1.49 2.37
CA LEU B 228 7.65 1.70 2.99
C LEU B 228 7.56 3.06 3.74
N ALA B 229 8.67 3.48 4.35
CA ALA B 229 8.78 4.76 4.97
C ALA B 229 8.47 5.86 3.96
N ALA B 230 9.08 5.76 2.79
CA ALA B 230 8.91 6.77 1.76
C ALA B 230 7.51 6.76 1.18
N VAL B 231 6.94 5.57 0.95
CA VAL B 231 5.58 5.46 0.37
C VAL B 231 4.56 6.09 1.35
N SER B 232 4.80 5.87 2.65
CA SER B 232 3.96 6.41 3.71
C SER B 232 4.07 7.93 3.72
N PHE B 233 5.29 8.42 3.63
CA PHE B 233 5.59 9.85 3.63
C PHE B 233 5.01 10.58 2.42
N ALA B 234 5.07 9.94 1.25
CA ALA B 234 4.51 10.52 0.01
C ALA B 234 2.99 10.74 0.14
N SER B 235 2.34 9.87 0.91
CA SER B 235 0.92 9.98 1.15
C SER B 235 0.63 10.92 2.32
N ALA B 236 1.31 10.74 3.44
CA ALA B 236 1.03 11.51 4.65
C ALA B 236 1.48 12.97 4.60
N GLY B 237 2.47 13.27 3.75
CA GLY B 237 2.97 14.64 3.62
C GLY B 237 3.98 14.99 4.70
N SER B 238 4.67 16.13 4.52
CA SER B 238 5.69 16.58 5.44
C SER B 238 5.12 17.16 6.71
N GLY B 239 5.54 16.61 7.85
CA GLY B 239 5.12 17.12 9.15
C GLY B 239 6.20 18.00 9.75
N LEU B 240 6.03 18.29 11.04
CA LEU B 240 6.93 19.12 11.78
C LEU B 240 8.41 18.76 11.58
N HIS B 241 8.75 17.49 11.76
CA HIS B 241 10.11 17.08 11.57
C HIS B 241 10.66 17.54 10.22
N HIS B 242 9.97 17.19 9.13
CA HIS B 242 10.49 17.52 7.80
C HIS B 242 10.59 19.03 7.58
N LYS B 243 9.68 19.80 8.15
CA LYS B 243 9.73 21.25 8.04
C LYS B 243 10.98 21.80 8.75
N ILE B 244 11.27 21.30 9.96
CA ILE B 244 12.47 21.72 10.69
C ILE B 244 13.74 21.42 9.88
N CYS B 245 13.81 20.20 9.36
CA CYS B 245 14.98 19.76 8.59
C CYS B 245 15.14 20.50 7.28
N HIS B 246 14.00 20.81 6.64
CA HIS B 246 13.97 21.63 5.43
C HIS B 246 14.66 22.95 5.66
N THR B 247 14.37 23.58 6.81
CA THR B 247 14.95 24.86 7.16
C THR B 247 16.43 24.71 7.46
N LEU B 248 16.78 23.71 8.28
CA LEU B 248 18.17 23.50 8.69
C LEU B 248 19.07 23.22 7.49
N GLY B 249 18.55 22.48 6.52
CA GLY B 249 19.27 22.23 5.27
C GLY B 249 19.25 23.44 4.33
N GLY B 250 18.08 24.08 4.21
CA GLY B 250 17.90 25.18 3.26
C GLY B 250 18.54 26.50 3.67
N THR B 251 18.40 26.86 4.94
CA THR B 251 18.92 28.12 5.44
C THR B 251 20.33 27.97 6.03
N PHE B 252 20.59 26.85 6.69
CA PHE B 252 21.85 26.65 7.40
C PHE B 252 22.77 25.60 6.77
N ASN B 253 22.35 25.03 5.63
CA ASN B 253 23.17 24.07 4.87
C ASN B 253 23.77 22.93 5.71
N LEU B 254 23.04 22.47 6.75
CA LEU B 254 23.52 21.36 7.60
C LEU B 254 23.37 20.04 6.84
N PRO B 255 24.22 19.04 7.16
CA PRO B 255 24.17 17.76 6.44
C PRO B 255 22.83 17.05 6.56
N HIS B 256 22.26 16.69 5.42
CA HIS B 256 20.92 16.12 5.33
C HIS B 256 20.63 14.95 6.28
N ALA B 257 21.30 13.81 6.08
CA ALA B 257 21.00 12.59 6.85
C ALA B 257 21.22 12.76 8.36
N GLN B 258 22.31 13.38 8.74
CA GLN B 258 22.65 13.52 10.15
C GLN B 258 21.68 14.43 10.85
N THR B 259 21.09 15.36 10.08
CA THR B 259 20.16 16.34 10.63
C THR B 259 18.84 15.67 10.90
N HIS B 260 18.36 14.90 9.94
CA HIS B 260 17.19 14.10 10.14
C HIS B 260 17.41 13.17 11.34
N ALA B 261 18.53 12.48 11.35
CA ALA B 261 18.87 11.57 12.42
C ALA B 261 18.76 12.27 13.79
N THR B 262 19.32 13.48 13.89
CA THR B 262 19.40 14.19 15.16
C THR B 262 18.08 14.80 15.61
N VAL B 263 17.40 15.44 14.69
CA VAL B 263 16.13 16.12 14.99
C VAL B 263 14.97 15.14 15.37
N LEU B 264 14.97 13.95 14.76
CA LEU B 264 13.87 12.97 14.93
C LEU B 264 13.38 12.74 16.37
N PRO B 265 14.27 12.31 17.28
CA PRO B 265 13.81 11.98 18.65
C PRO B 265 13.19 13.18 19.42
N TYR B 266 13.61 14.40 19.09
CA TYR B 266 13.08 15.59 19.76
C TYR B 266 11.66 15.87 19.29
N VAL B 267 11.43 15.72 17.99
CA VAL B 267 10.10 15.90 17.42
C VAL B 267 9.14 14.83 18.00
N LEU B 268 9.61 13.58 18.10
CA LEU B 268 8.80 12.50 18.70
C LEU B 268 8.41 12.80 20.10
N ALA B 269 9.38 13.28 20.89
CA ALA B 269 9.13 13.62 22.29
C ALA B 269 8.20 14.83 22.39
N PHE B 270 8.41 15.79 21.49
CA PHE B 270 7.61 16.97 21.43
C PHE B 270 6.15 16.65 21.15
N ASN B 271 5.91 15.82 20.13
CA ASN B 271 4.54 15.50 19.69
C ASN B 271 3.85 14.31 20.36
N ALA B 272 4.63 13.41 20.96
CA ALA B 272 4.11 12.13 21.46
C ALA B 272 2.90 12.30 22.40
N GLY B 273 3.03 13.19 23.40
CA GLY B 273 1.95 13.41 24.35
C GLY B 273 0.61 13.74 23.67
N ASP B 274 0.67 14.51 22.57
CA ASP B 274 -0.53 14.95 21.87
C ASP B 274 -0.97 14.05 20.73
N ALA B 275 -0.15 13.04 20.40
CA ALA B 275 -0.51 12.06 19.36
C ALA B 275 -0.44 10.64 19.92
N PRO B 276 -1.32 10.33 20.91
CA PRO B 276 -1.28 9.03 21.60
C PRO B 276 -1.46 7.80 20.70
N GLU B 277 -2.27 7.91 19.67
CA GLU B 277 -2.50 6.77 18.78
C GLU B 277 -1.26 6.48 17.94
N ALA B 278 -0.67 7.53 17.39
CA ALA B 278 0.58 7.42 16.65
C ALA B 278 1.66 6.86 17.57
N GLU B 279 1.67 7.36 18.81
CA GLU B 279 2.66 6.95 19.78
C GLU B 279 2.57 5.46 20.04
N ARG B 280 1.35 4.94 20.22
CA ARG B 280 1.18 3.52 20.51
C ARG B 280 1.53 2.64 19.34
N ARG B 281 1.21 3.08 18.14
CA ARG B 281 1.51 2.28 16.96
C ARG B 281 3.03 2.15 16.79
N ALA B 282 3.73 3.27 16.96
CA ALA B 282 5.18 3.29 16.88
C ALA B 282 5.79 2.39 17.94
N ALA B 283 5.24 2.50 19.16
CA ALA B 283 5.65 1.68 20.27
C ALA B 283 5.56 0.20 19.90
N ALA B 284 4.41 -0.20 19.39
CA ALA B 284 4.20 -1.59 18.97
C ALA B 284 5.17 -2.01 17.87
N ALA B 285 5.48 -1.08 16.95
CA ALA B 285 6.44 -1.37 15.86
C ALA B 285 7.88 -1.56 16.41
N PHE B 286 8.22 -0.82 17.47
CA PHE B 286 9.53 -1.02 18.10
C PHE B 286 9.52 -2.25 18.98
N GLY B 287 8.35 -2.64 19.48
CA GLY B 287 8.25 -3.77 20.43
C GLY B 287 8.54 -3.31 21.85
N THR B 288 8.29 -2.03 22.11
CA THR B 288 8.43 -1.46 23.44
C THR B 288 7.13 -0.78 23.88
N ASP B 289 7.02 -0.50 25.17
CA ASP B 289 5.81 0.13 25.73
C ASP B 289 5.61 1.59 25.29
N THR B 290 6.71 2.29 25.02
CA THR B 290 6.63 3.63 24.49
C THR B 290 7.49 3.74 23.22
N ALA B 291 7.16 4.73 22.39
CA ALA B 291 7.88 4.93 21.14
C ALA B 291 9.26 5.58 21.37
N LEU B 292 9.34 6.51 22.31
CA LEU B 292 10.61 7.19 22.58
C LEU B 292 11.63 6.17 23.12
N GLU B 293 11.17 5.26 23.98
CA GLU B 293 12.02 4.15 24.47
C GLU B 293 12.53 3.34 23.28
N GLY B 294 11.63 2.93 22.40
CA GLY B 294 12.01 2.20 21.21
C GLY B 294 13.11 2.91 20.42
N LEU B 295 12.87 4.18 20.09
CA LEU B 295 13.83 4.97 19.32
C LEU B 295 15.20 5.12 20.03
N GLN B 296 15.17 5.46 21.32
CA GLN B 296 16.41 5.69 22.08
C GLN B 296 17.28 4.45 22.15
N ARG B 297 16.66 3.29 22.36
CA ARG B 297 17.38 2.00 22.38
C ARG B 297 18.02 1.72 21.03
N LEU B 298 17.28 1.98 19.96
CA LEU B 298 17.80 1.79 18.62
C LEU B 298 18.98 2.74 18.41
N ARG B 299 18.78 4.01 18.77
CA ARG B 299 19.82 5.02 18.60
C ARG B 299 21.09 4.61 19.33
N LEU B 300 20.94 4.16 20.56
CA LEU B 300 22.05 3.71 21.34
C LEU B 300 22.77 2.53 20.69
N SER B 301 22.02 1.51 20.31
CA SER B 301 22.60 0.32 19.70
C SER B 301 23.29 0.61 18.35
N VAL B 302 22.95 1.76 17.76
CA VAL B 302 23.42 2.11 16.44
C VAL B 302 24.38 3.32 16.44
N ASN B 303 24.71 3.82 17.64
CA ASN B 303 25.56 5.00 17.80
C ASN B 303 25.11 6.17 16.92
N ALA B 304 23.80 6.48 16.96
CA ALA B 304 23.20 7.53 16.13
C ALA B 304 23.73 8.92 16.48
N PRO B 305 23.62 9.88 15.53
CA PRO B 305 23.99 11.26 15.81
C PRO B 305 23.19 11.82 16.99
N LYS B 306 23.83 12.64 17.79
CA LYS B 306 23.27 13.15 19.04
C LYS B 306 23.11 14.67 19.10
N ARG B 307 23.90 15.43 18.34
CA ARG B 307 23.92 16.91 18.46
C ARG B 307 24.06 17.64 17.15
N LEU B 308 23.24 18.68 16.95
CA LEU B 308 23.35 19.52 15.74
C LEU B 308 24.59 20.40 15.82
N SER B 309 25.05 20.65 17.03
CA SER B 309 26.27 21.43 17.23
C SER B 309 27.50 20.73 16.61
N ASP B 310 27.41 19.42 16.41
CA ASP B 310 28.50 18.65 15.78
C ASP B 310 28.55 18.84 14.25
N TYR B 311 27.53 19.50 13.69
CA TYR B 311 27.47 19.79 12.26
C TYR B 311 27.50 21.30 12.00
N GLY B 312 27.94 22.07 13.00
CA GLY B 312 28.14 23.52 12.82
C GLY B 312 27.01 24.43 13.27
N PHE B 313 25.83 23.89 13.53
CA PHE B 313 24.70 24.70 13.99
C PHE B 313 25.04 25.28 15.36
N GLU B 314 24.77 26.58 15.55
CA GLU B 314 25.01 27.26 16.83
C GLU B 314 23.70 27.76 17.44
N ALA B 315 23.72 27.99 18.76
CA ALA B 315 22.56 28.55 19.49
C ALA B 315 22.12 29.88 18.87
N SER B 316 23.09 30.64 18.36
CA SER B 316 22.83 31.94 17.71
C SER B 316 21.95 31.81 16.45
N GLY B 317 21.90 30.61 15.87
CA GLY B 317 21.11 30.38 14.67
C GLY B 317 19.68 29.92 14.93
N ILE B 318 19.31 29.74 16.21
CA ILE B 318 17.97 29.19 16.55
C ILE B 318 16.82 30.18 16.27
N ALA B 319 17.08 31.47 16.50
CA ALA B 319 16.07 32.51 16.27
C ALA B 319 15.60 32.49 14.83
N GLU B 320 16.54 32.58 13.89
CA GLU B 320 16.22 32.51 12.44
C GLU B 320 15.63 31.13 12.06
N ALA B 321 16.19 30.06 12.62
CA ALA B 321 15.68 28.71 12.34
C ALA B 321 14.20 28.65 12.64
N VAL B 322 13.84 29.04 13.85
CA VAL B 322 12.45 29.09 14.29
C VAL B 322 11.63 30.03 13.39
N ASP B 323 12.18 31.21 13.13
CA ASP B 323 11.49 32.23 12.34
C ASP B 323 11.03 31.71 10.95
N VAL B 324 11.92 31.04 10.22
CA VAL B 324 11.59 30.55 8.88
CA VAL B 324 11.62 30.53 8.89
C VAL B 324 10.66 29.31 8.91
N THR B 325 10.85 28.44 9.89
CA THR B 325 10.07 27.18 10.00
C THR B 325 8.67 27.32 10.52
N LEU B 326 8.47 28.23 11.47
CA LEU B 326 7.18 28.35 12.17
C LEU B 326 5.97 28.35 11.21
N GLU B 327 6.07 29.15 10.14
CA GLU B 327 4.99 29.24 9.13
C GLU B 327 4.84 27.99 8.28
N LYS B 328 5.89 27.18 8.20
CA LYS B 328 5.86 25.95 7.44
C LYS B 328 5.08 24.84 8.14
N VAL B 329 4.97 24.92 9.49
CA VAL B 329 4.38 23.84 10.31
C VAL B 329 2.89 23.61 9.97
N PRO B 330 2.49 22.34 9.76
CA PRO B 330 1.06 22.12 9.49
C PRO B 330 0.16 22.54 10.65
N ALA B 331 -0.98 23.17 10.30
CA ALA B 331 -1.94 23.60 11.29
C ALA B 331 -2.36 22.44 12.18
N ASN B 332 -2.39 21.23 11.62
CA ASN B 332 -2.82 20.06 12.38
C ASN B 332 -1.71 19.28 13.10
N ASN B 333 -0.55 19.90 13.36
CA ASN B 333 0.49 19.22 14.15
C ASN B 333 -0.14 18.94 15.53
N PRO B 334 0.05 17.72 16.08
CA PRO B 334 -0.65 17.34 17.34
C PRO B 334 -0.50 18.34 18.45
N ARG B 335 0.69 18.91 18.60
CA ARG B 335 0.95 19.90 19.64
C ARG B 335 1.13 21.28 19.02
N PRO B 336 0.38 22.29 19.51
CA PRO B 336 0.53 23.62 18.95
C PRO B 336 1.98 24.12 19.02
N VAL B 337 2.52 24.48 17.87
CA VAL B 337 3.89 24.97 17.79
C VAL B 337 3.92 26.48 17.98
N THR B 338 4.84 26.96 18.81
CA THR B 338 5.02 28.39 19.05
C THR B 338 6.49 28.73 18.85
N ARG B 339 6.79 30.01 18.63
CA ARG B 339 8.17 30.44 18.50
C ARG B 339 8.98 29.93 19.68
N GLU B 340 8.41 30.03 20.88
CA GLU B 340 9.11 29.65 22.11
C GLU B 340 9.32 28.14 22.29
N ASN B 341 8.30 27.33 22.00
CA ASN B 341 8.45 25.90 22.19
C ASN B 341 9.23 25.24 21.03
N LEU B 342 9.28 25.92 19.87
CA LEU B 342 10.08 25.44 18.75
C LEU B 342 11.53 25.86 18.99
N SER B 343 11.74 27.00 19.65
CA SER B 343 13.10 27.41 20.03
C SER B 343 13.69 26.41 21.04
N ARG B 344 12.87 25.96 21.99
CA ARG B 344 13.32 25.03 23.04
C ARG B 344 13.65 23.65 22.45
N LEU B 345 12.90 23.24 21.43
CA LEU B 345 13.13 21.97 20.75
C LEU B 345 14.52 22.01 20.08
N LEU B 346 14.77 23.08 19.34
CA LEU B 346 16.04 23.26 18.62
C LEU B 346 17.24 23.38 19.60
N GLU B 347 17.01 23.98 20.77
CA GLU B 347 18.07 24.04 21.79
C GLU B 347 18.45 22.62 22.28
N ALA B 348 17.45 21.76 22.43
CA ALA B 348 17.66 20.37 22.87
C ALA B 348 18.36 19.56 21.78
N ALA B 349 17.94 19.74 20.52
CA ALA B 349 18.56 19.08 19.38
C ALA B 349 19.96 19.67 19.09
N LEU B 350 20.17 20.95 19.38
CA LEU B 350 21.48 21.60 19.19
C LEU B 350 22.55 20.97 20.10
N ASN B 351 22.19 20.77 21.37
CA ASN B 351 23.15 20.31 22.37
C ASN B 351 22.98 18.86 22.82
N GLY B 352 21.98 18.18 22.26
CA GLY B 352 21.79 16.77 22.54
C GLY B 352 21.30 16.48 23.94
N GLU B 353 20.30 17.21 24.38
CA GLU B 353 19.67 16.96 25.68
C GLU B 353 18.81 15.72 25.60
N ASP B 354 18.43 15.20 26.76
CA ASP B 354 17.48 14.10 26.78
C ASP B 354 16.20 14.63 26.09
N PRO B 355 15.71 13.92 25.03
CA PRO B 355 14.47 14.36 24.38
C PRO B 355 13.28 14.37 25.33
N ALA B 356 13.34 13.55 26.38
CA ALA B 356 12.31 13.51 27.40
C ALA B 356 12.05 14.92 28.00
N VAL B 357 13.04 15.81 27.90
CA VAL B 357 12.86 17.21 28.37
C VAL B 357 11.77 17.97 27.60
N LEU B 358 11.50 17.56 26.36
CA LEU B 358 10.48 18.22 25.55
C LEU B 358 9.09 17.57 25.67
N SER B 359 8.97 16.51 26.48
CA SER B 359 7.69 15.72 26.55
C SER B 359 6.41 16.55 26.85
#